data_4LRE
#
_entry.id   4LRE
#
_cell.length_a   91.504
_cell.length_b   76.520
_cell.length_c   107.286
_cell.angle_alpha   90.00
_cell.angle_beta   108.76
_cell.angle_gamma   90.00
#
_symmetry.space_group_name_H-M   'P 1 21 1'
#
loop_
_entity.id
_entity.type
_entity.pdbx_description
1 polymer Phosphopentomutase
2 non-polymer 'MANGANESE (II) ION'
3 non-polymer 2,3-dideoxy-5-O-phosphono-alpha-D-ribofuranose
4 water water
#
_entity_poly.entity_id   1
_entity_poly.type   'polypeptide(L)'
_entity_poly.pdbx_seq_one_letter_code
;MGSSHHHHHHSSGLVPRGSHMASNKYKRIFLVVMDSVGIGEAPDAEQFGDLGSDTIGHIAEHMNGLQMPNMVKLGLGNIR
EMKGISKVEKPLGYYTKMQEKSTGKD(TPO)MTGHWEIMGLYIDTPFQVFPEGFPKELLDELEEKTGRKIIGNKPASGTE
ILDELGQEQMETGSLIVYTSADSVLQIAAHEEVVPLDELYKICKIARELTLDEKYMVGRVIARPFVGEPGNFTRTPNRHD
YALKPFGRTVMNELKDSDYDVIAIGKISDIYDGEGVTESLRTKSNMDGMDKLVDTLNMDFTGLSFLNLVDFDALFGHRRD
PQGYGEALQEYDARLPEVFAKLKEDDLLLITADHGNDPIHPGTDHTREYVPLLAYSPSMKEGGQELPLRQTFADIGATVA
ENFGVKMPEYGTSFLNELKK
;
_entity_poly.pdbx_strand_id   A,B,C
#
loop_
_chem_comp.id
_chem_comp.type
_chem_comp.name
_chem_comp.formula
1X4 D-saccharide, alpha linking 2,3-dideoxy-5-O-phosphono-alpha-D-ribofuranose 'C5 H11 O6 P'
MN non-polymer 'MANGANESE (II) ION' 'Mn 2'
#
# COMPACT_ATOMS: atom_id res chain seq x y z
N ASN A 24 -6.03 31.09 33.70
CA ASN A 24 -6.49 29.88 34.43
C ASN A 24 -5.74 29.68 35.74
N LYS A 25 -6.45 29.26 36.77
CA LYS A 25 -5.82 28.81 38.02
C LYS A 25 -5.02 27.52 37.78
N TYR A 26 -5.61 26.55 37.07
CA TYR A 26 -4.89 25.36 36.66
C TYR A 26 -4.79 25.29 35.14
N LYS A 27 -3.59 24.96 34.67
CA LYS A 27 -3.34 24.83 33.24
C LYS A 27 -3.84 23.46 32.75
N ARG A 28 -3.61 22.43 33.56
CA ARG A 28 -4.07 21.09 33.25
C ARG A 28 -4.81 20.50 34.43
N ILE A 29 -5.87 19.77 34.13
CA ILE A 29 -6.58 19.02 35.16
C ILE A 29 -6.60 17.55 34.72
N PHE A 30 -6.16 16.67 35.61
CA PHE A 30 -6.18 15.23 35.40
C PHE A 30 -7.28 14.64 36.25
N LEU A 31 -8.29 14.16 35.55
CA LEU A 31 -9.45 13.59 36.21
C LEU A 31 -9.41 12.07 36.02
N VAL A 32 -9.42 11.37 37.15
CA VAL A 32 -9.36 9.92 37.17
C VAL A 32 -10.63 9.38 37.80
N VAL A 33 -11.36 8.61 37.02
CA VAL A 33 -12.46 7.82 37.52
C VAL A 33 -12.02 6.40 37.78
N MET A 34 -12.02 6.02 39.05
CA MET A 34 -11.81 4.62 39.42
C MET A 34 -13.19 4.01 39.31
N ASP A 35 -13.47 3.33 38.19
CA ASP A 35 -14.84 2.87 37.89
C ASP A 35 -15.40 1.92 38.93
N SER A 36 -16.55 2.28 39.51
CA SER A 36 -17.27 1.47 40.52
C SER A 36 -16.71 1.50 41.97
N VAL A 37 -15.68 2.32 42.21
CA VAL A 37 -15.03 2.31 43.52
C VAL A 37 -15.80 3.16 44.53
N GLY A 38 -16.93 2.62 44.99
CA GLY A 38 -17.79 3.31 45.94
C GLY A 38 -17.29 3.33 47.38
N ILE A 39 -17.72 4.33 48.13
CA ILE A 39 -17.28 4.47 49.50
C ILE A 39 -18.44 4.38 50.52
N GLY A 40 -19.42 3.55 50.22
CA GLY A 40 -20.51 3.31 51.15
C GLY A 40 -21.87 3.75 50.65
N GLU A 41 -22.88 2.98 51.01
CA GLU A 41 -24.28 3.22 50.62
C GLU A 41 -24.74 4.68 50.72
N ALA A 42 -25.42 5.12 49.67
CA ALA A 42 -25.88 6.49 49.60
C ALA A 42 -27.23 6.61 50.31
N PRO A 43 -27.72 7.85 50.53
CA PRO A 43 -29.01 8.08 51.21
C PRO A 43 -30.21 7.44 50.55
N ASP A 44 -30.21 7.31 49.23
CA ASP A 44 -31.33 6.64 48.55
C ASP A 44 -31.04 5.19 48.17
N ALA A 45 -30.06 4.59 48.87
CA ALA A 45 -29.67 3.19 48.62
C ALA A 45 -30.84 2.22 48.67
N GLU A 46 -31.77 2.47 49.59
CA GLU A 46 -32.90 1.56 49.78
C GLU A 46 -33.76 1.41 48.54
N GLN A 47 -34.00 2.52 47.83
CA GLN A 47 -34.75 2.48 46.57
C GLN A 47 -34.17 1.50 45.54
N PHE A 48 -32.89 1.19 45.65
CA PHE A 48 -32.21 0.35 44.66
C PHE A 48 -31.93 -1.06 45.14
N GLY A 49 -32.36 -1.36 46.37
CA GLY A 49 -32.01 -2.63 47.03
C GLY A 49 -30.54 -2.68 47.37
N ASP A 50 -29.97 -1.54 47.74
CA ASP A 50 -28.54 -1.47 47.95
C ASP A 50 -28.15 -1.13 49.40
N LEU A 51 -29.04 -1.36 50.35
CA LEU A 51 -28.69 -1.16 51.76
C LEU A 51 -27.55 -2.09 52.14
N GLY A 52 -26.63 -1.60 52.96
CA GLY A 52 -25.49 -2.41 53.38
C GLY A 52 -24.34 -2.39 52.38
N SER A 53 -24.50 -1.75 51.23
CA SER A 53 -23.42 -1.81 50.23
C SER A 53 -22.28 -0.90 50.64
N ASP A 54 -21.06 -1.31 50.30
CA ASP A 54 -19.87 -0.60 50.72
C ASP A 54 -18.68 -1.18 49.96
N THR A 55 -18.40 -0.63 48.77
CA THR A 55 -17.41 -1.26 47.90
C THR A 55 -16.03 -1.32 48.57
N ILE A 56 -15.45 -0.16 48.89
CA ILE A 56 -14.11 -0.13 49.47
C ILE A 56 -14.05 -0.84 50.83
N GLY A 57 -15.07 -0.59 51.67
CA GLY A 57 -15.13 -1.18 53.00
C GLY A 57 -15.18 -2.70 53.04
N HIS A 58 -15.99 -3.31 52.19
CA HIS A 58 -16.03 -4.78 52.15
C HIS A 58 -14.76 -5.35 51.59
N ILE A 59 -14.17 -4.66 50.60
CA ILE A 59 -12.87 -5.11 50.07
C ILE A 59 -11.78 -5.02 51.16
N ALA A 60 -11.79 -3.92 51.90
CA ALA A 60 -10.77 -3.74 52.95
C ALA A 60 -10.89 -4.84 54.00
N GLU A 61 -12.14 -5.20 54.33
CA GLU A 61 -12.41 -6.29 55.28
C GLU A 61 -11.96 -7.63 54.74
N HIS A 62 -12.28 -7.92 53.48
CA HIS A 62 -11.87 -9.17 52.85
C HIS A 62 -10.36 -9.34 52.83
N MET A 63 -9.66 -8.25 52.56
CA MET A 63 -8.21 -8.24 52.40
C MET A 63 -7.52 -8.24 53.77
N ASN A 64 -8.30 -8.15 54.84
CA ASN A 64 -7.75 -7.96 56.18
C ASN A 64 -6.90 -6.69 56.25
N GLY A 65 -7.35 -5.66 55.57
CA GLY A 65 -6.59 -4.42 55.53
C GLY A 65 -6.04 -4.17 54.15
N LEU A 66 -6.54 -3.14 53.50
CA LEU A 66 -6.05 -2.74 52.20
C LEU A 66 -4.77 -1.95 52.33
N GLN A 67 -3.81 -2.22 51.45
CA GLN A 67 -2.58 -1.42 51.37
C GLN A 67 -2.69 -0.40 50.26
N MET A 68 -3.11 0.81 50.62
CA MET A 68 -3.22 1.92 49.70
C MET A 68 -2.59 3.16 50.30
N PRO A 69 -1.29 3.10 50.60
CA PRO A 69 -0.60 4.16 51.33
C PRO A 69 -0.64 5.53 50.64
N ASN A 70 -0.59 5.54 49.30
CA ASN A 70 -0.64 6.80 48.55
C ASN A 70 -2.02 7.46 48.52
N MET A 71 -3.08 6.67 48.35
CA MET A 71 -4.44 7.21 48.49
C MET A 71 -4.63 7.70 49.93
N VAL A 72 -4.07 6.97 50.90
CA VAL A 72 -4.12 7.37 52.31
C VAL A 72 -3.46 8.72 52.50
N LYS A 73 -2.29 8.91 51.88
CA LYS A 73 -1.58 10.19 51.98
C LYS A 73 -2.36 11.34 51.35
N LEU A 74 -3.18 11.05 50.34
CA LEU A 74 -4.01 12.08 49.71
C LEU A 74 -5.17 12.46 50.62
N GLY A 75 -5.54 11.55 51.51
CA GLY A 75 -6.61 11.77 52.48
C GLY A 75 -7.82 10.85 52.37
N LEU A 76 -7.67 9.69 51.71
CA LEU A 76 -8.79 8.75 51.57
C LEU A 76 -9.41 8.36 52.90
N GLY A 77 -8.57 8.07 53.88
CA GLY A 77 -9.02 7.69 55.21
C GLY A 77 -9.67 8.83 55.98
N ASN A 78 -9.35 10.05 55.60
CA ASN A 78 -9.97 11.22 56.17
C ASN A 78 -11.41 11.35 55.71
N ILE A 79 -11.72 10.89 54.51
CA ILE A 79 -13.10 10.82 54.03
C ILE A 79 -13.83 9.80 54.89
N ARG A 80 -13.20 8.63 55.07
CA ARG A 80 -13.80 7.54 55.84
C ARG A 80 -12.75 6.50 56.19
N GLU A 81 -12.66 6.14 57.46
CA GLU A 81 -11.67 5.15 57.87
C GLU A 81 -12.20 3.76 57.66
N MET A 82 -11.32 2.90 57.16
CA MET A 82 -11.70 1.55 56.78
C MET A 82 -10.48 0.68 57.08
N LYS A 83 -10.67 -0.63 57.10
CA LYS A 83 -9.58 -1.52 57.50
C LYS A 83 -8.33 -1.33 56.64
N GLY A 84 -7.24 -0.93 57.30
CA GLY A 84 -5.97 -0.62 56.63
C GLY A 84 -5.89 0.81 56.10
N ILE A 85 -7.01 1.52 56.10
CA ILE A 85 -7.05 2.85 55.53
C ILE A 85 -7.37 3.89 56.61
N SER A 86 -6.32 4.53 57.10
CA SER A 86 -6.46 5.45 58.23
C SER A 86 -6.36 6.88 57.82
N LYS A 87 -6.97 7.76 58.62
CA LYS A 87 -6.83 9.19 58.41
C LYS A 87 -5.39 9.61 58.70
N VAL A 88 -4.99 10.73 58.10
CA VAL A 88 -3.67 11.29 58.32
C VAL A 88 -3.85 12.73 58.76
N GLU A 89 -2.87 13.22 59.51
CA GLU A 89 -2.93 14.56 60.12
C GLU A 89 -2.88 15.64 59.06
N LYS A 90 -2.06 15.45 58.04
CA LYS A 90 -1.87 16.48 57.01
C LYS A 90 -2.02 15.89 55.60
N PRO A 91 -3.28 15.70 55.14
CA PRO A 91 -3.51 15.12 53.82
C PRO A 91 -2.86 15.93 52.71
N LEU A 92 -2.32 15.26 51.72
CA LEU A 92 -1.74 15.93 50.56
C LEU A 92 -2.71 16.90 49.88
N GLY A 93 -3.99 16.52 49.80
CA GLY A 93 -4.95 17.33 49.06
C GLY A 93 -6.27 17.48 49.80
N TYR A 94 -7.26 18.03 49.12
CA TYR A 94 -8.59 18.15 49.71
C TYR A 94 -9.39 16.87 49.47
N TYR A 95 -10.39 16.66 50.31
CA TYR A 95 -11.12 15.42 50.32
C TYR A 95 -12.57 15.61 50.77
N THR A 96 -13.44 14.77 50.23
CA THR A 96 -14.83 14.66 50.67
C THR A 96 -15.42 13.48 49.93
N LYS A 97 -16.74 13.35 49.97
CA LYS A 97 -17.37 12.39 49.09
C LYS A 97 -18.45 13.08 48.28
N MET A 98 -19.04 12.35 47.34
CA MET A 98 -20.00 12.93 46.42
C MET A 98 -21.24 12.07 46.40
N GLN A 99 -22.38 12.73 46.30
CA GLN A 99 -23.65 12.06 46.28
C GLN A 99 -24.17 12.16 44.85
N GLU A 100 -24.75 11.09 44.36
CA GLU A 100 -25.30 11.05 43.01
C GLU A 100 -26.76 11.56 43.01
N LYS A 101 -27.03 12.52 42.14
CA LYS A 101 -28.37 13.08 42.03
C LYS A 101 -29.23 12.39 40.99
N SER A 102 -28.64 11.97 39.87
CA SER A 102 -29.39 11.28 38.83
C SER A 102 -30.03 9.96 39.28
N THR A 103 -31.04 9.54 38.55
CA THR A 103 -31.86 8.39 38.90
C THR A 103 -31.08 7.07 38.86
N GLY A 104 -30.30 6.84 37.81
CA GLY A 104 -29.62 5.56 37.64
C GLY A 104 -28.29 5.44 38.37
N LYS A 105 -27.75 4.23 38.39
CA LYS A 105 -26.47 3.95 39.05
C LYS A 105 -25.50 3.28 38.07
N ASP A 106 -25.74 3.45 36.77
CA ASP A 106 -24.86 2.93 35.71
C ASP A 106 -23.68 3.87 35.37
N TPO A 107 -22.70 3.33 34.64
CA TPO A 107 -21.55 4.09 34.19
CB TPO A 107 -20.63 3.16 33.37
CG2 TPO A 107 -19.45 3.90 32.78
OG1 TPO A 107 -19.99 2.24 34.22
P TPO A 107 -19.86 0.69 33.82
O1P TPO A 107 -21.23 0.17 34.14
O2P TPO A 107 -18.71 0.24 34.69
O3P TPO A 107 -19.51 0.61 32.32
C TPO A 107 -21.91 5.33 33.40
O TPO A 107 -21.39 6.41 33.66
N MET A 108 -22.79 5.21 32.41
CA MET A 108 -23.16 6.38 31.62
C MET A 108 -23.77 7.50 32.45
N THR A 109 -24.74 7.18 33.30
CA THR A 109 -25.33 8.16 34.18
C THR A 109 -24.27 8.86 35.04
N GLY A 110 -23.42 8.07 35.69
CA GLY A 110 -22.40 8.65 36.59
C GLY A 110 -21.48 9.63 35.88
N HIS A 111 -20.97 9.21 34.72
CA HIS A 111 -20.07 10.05 33.92
C HIS A 111 -20.74 11.29 33.34
N TRP A 112 -21.96 11.13 32.83
CA TRP A 112 -22.70 12.28 32.32
C TRP A 112 -22.93 13.29 33.44
N GLU A 113 -23.26 12.82 34.64
CA GLU A 113 -23.44 13.72 35.77
C GLU A 113 -22.14 14.39 36.17
N ILE A 114 -21.04 13.63 36.22
CA ILE A 114 -19.72 14.20 36.50
C ILE A 114 -19.42 15.42 35.62
N MET A 115 -19.75 15.32 34.33
CA MET A 115 -19.51 16.38 33.36
C MET A 115 -20.70 17.34 33.18
N GLY A 116 -21.52 17.46 34.22
CA GLY A 116 -22.44 18.58 34.34
C GLY A 116 -23.88 18.35 34.00
N LEU A 117 -24.27 17.09 33.78
CA LEU A 117 -25.64 16.80 33.39
C LEU A 117 -26.48 16.31 34.57
N TYR A 118 -27.79 16.27 34.38
CA TYR A 118 -28.68 15.57 35.29
C TYR A 118 -29.51 14.59 34.46
N ILE A 119 -29.53 13.32 34.86
CA ILE A 119 -30.17 12.30 34.05
C ILE A 119 -31.35 11.70 34.82
N ASP A 120 -32.56 11.98 34.34
CA ASP A 120 -33.74 11.48 34.99
C ASP A 120 -34.03 10.03 34.63
N THR A 121 -33.75 9.64 33.40
CA THR A 121 -34.11 8.32 32.94
C THR A 121 -32.91 7.34 33.08
N PRO A 122 -33.07 6.31 33.93
CA PRO A 122 -32.00 5.34 34.12
C PRO A 122 -31.80 4.43 32.88
N PHE A 123 -30.59 3.89 32.72
CA PHE A 123 -30.38 2.85 31.74
C PHE A 123 -30.71 1.53 32.41
N GLN A 124 -31.22 0.55 31.65
CA GLN A 124 -31.68 -0.69 32.23
C GLN A 124 -30.70 -1.86 32.04
N VAL A 125 -30.76 -2.82 32.96
CA VAL A 125 -30.00 -4.06 32.84
C VAL A 125 -30.98 -5.22 32.75
N PHE A 126 -30.55 -6.31 32.16
CA PHE A 126 -31.49 -7.39 31.88
C PHE A 126 -30.96 -8.75 32.33
N PRO A 127 -30.98 -9.01 33.65
CA PRO A 127 -30.42 -10.25 34.18
C PRO A 127 -31.23 -11.48 33.76
N GLU A 128 -32.46 -11.27 33.29
CA GLU A 128 -33.23 -12.38 32.78
C GLU A 128 -33.46 -12.21 31.28
N GLY A 129 -32.54 -11.54 30.60
CA GLY A 129 -32.74 -11.24 29.18
C GLY A 129 -33.76 -10.14 28.92
N PHE A 130 -34.03 -9.91 27.63
CA PHE A 130 -34.85 -8.76 27.18
C PHE A 130 -36.33 -9.10 27.08
N PRO A 131 -37.21 -8.11 27.27
CA PRO A 131 -38.65 -8.36 27.18
C PRO A 131 -39.06 -8.83 25.79
N LYS A 132 -40.02 -9.74 25.75
CA LYS A 132 -40.54 -10.32 24.51
C LYS A 132 -40.98 -9.24 23.54
N GLU A 133 -41.57 -8.17 24.06
CA GLU A 133 -42.05 -7.07 23.22
C GLU A 133 -40.95 -6.45 22.35
N LEU A 134 -39.80 -6.18 22.96
CA LEU A 134 -38.65 -5.62 22.24
C LEU A 134 -38.13 -6.58 21.16
N LEU A 135 -37.95 -7.85 21.54
CA LEU A 135 -37.43 -8.86 20.61
C LEU A 135 -38.40 -9.13 19.47
N ASP A 136 -39.71 -9.11 19.78
CA ASP A 136 -40.75 -9.23 18.75
C ASP A 136 -40.67 -8.09 17.73
N GLU A 137 -40.46 -6.85 18.21
CA GLU A 137 -40.31 -5.74 17.26
C GLU A 137 -39.02 -5.80 16.43
N LEU A 138 -37.93 -6.25 17.02
CA LEU A 138 -36.68 -6.39 16.27
C LEU A 138 -36.85 -7.45 15.17
N GLU A 139 -37.50 -8.56 15.50
CA GLU A 139 -37.81 -9.62 14.52
C GLU A 139 -38.69 -9.11 13.39
N GLU A 140 -39.70 -8.35 13.75
CA GLU A 140 -40.65 -7.79 12.81
C GLU A 140 -39.99 -6.78 11.86
N LYS A 141 -38.97 -6.08 12.36
CA LYS A 141 -38.29 -5.09 11.52
C LYS A 141 -37.16 -5.69 10.72
N THR A 142 -36.59 -6.79 11.18
CA THR A 142 -35.44 -7.40 10.49
C THR A 142 -35.74 -8.60 9.60
N GLY A 143 -36.76 -9.39 9.97
CA GLY A 143 -37.08 -10.60 9.21
C GLY A 143 -36.19 -11.75 9.62
N ARG A 144 -35.63 -11.68 10.82
CA ARG A 144 -34.75 -12.74 11.31
C ARG A 144 -35.23 -13.19 12.65
N LYS A 145 -35.03 -14.47 12.97
CA LYS A 145 -35.37 -14.99 14.29
C LYS A 145 -34.27 -14.64 15.28
N ILE A 146 -34.61 -14.60 16.56
CA ILE A 146 -33.64 -14.25 17.58
C ILE A 146 -33.49 -15.42 18.52
N ILE A 147 -32.25 -15.83 18.78
CA ILE A 147 -32.01 -16.91 19.72
C ILE A 147 -31.11 -16.45 20.86
N GLY A 148 -31.18 -17.13 22.00
CA GLY A 148 -30.32 -16.81 23.13
C GLY A 148 -31.07 -16.03 24.17
N ASN A 149 -30.97 -14.70 24.08
CA ASN A 149 -31.67 -13.78 24.97
C ASN A 149 -31.34 -13.96 26.47
N LYS A 150 -30.07 -13.91 26.80
CA LYS A 150 -29.66 -14.08 28.18
C LYS A 150 -28.31 -13.43 28.45
N PRO A 151 -27.99 -13.18 29.73
CA PRO A 151 -26.62 -12.76 30.03
C PRO A 151 -25.69 -13.92 29.73
N ALA A 152 -24.52 -13.62 29.17
CA ALA A 152 -23.53 -14.62 28.80
C ALA A 152 -22.27 -13.95 28.34
N SER A 153 -21.14 -14.64 28.49
CA SER A 153 -19.93 -14.18 27.84
C SER A 153 -20.02 -14.51 26.35
N GLY A 154 -19.29 -13.76 25.54
CA GLY A 154 -19.29 -13.93 24.09
C GLY A 154 -18.76 -15.28 23.65
N THR A 155 -17.84 -15.83 24.44
CA THR A 155 -17.29 -17.15 24.20
C THR A 155 -18.30 -18.25 24.49
N GLU A 156 -18.82 -18.27 25.72
CA GLU A 156 -19.82 -19.25 26.14
C GLU A 156 -20.98 -19.32 25.13
N ILE A 157 -21.55 -18.16 24.81
CA ILE A 157 -22.75 -18.11 23.95
C ILE A 157 -22.52 -18.60 22.51
N LEU A 158 -21.31 -18.40 22.01
CA LEU A 158 -20.97 -18.82 20.66
C LEU A 158 -20.91 -20.36 20.57
N ASP A 159 -20.30 -20.97 21.58
CA ASP A 159 -20.20 -22.42 21.61
C ASP A 159 -21.60 -23.03 21.72
N GLU A 160 -22.45 -22.42 22.55
CA GLU A 160 -23.81 -22.90 22.72
C GLU A 160 -24.67 -22.77 21.46
N LEU A 161 -24.61 -21.62 20.78
CA LEU A 161 -25.58 -21.32 19.73
C LEU A 161 -24.96 -20.94 18.40
N GLY A 162 -23.65 -20.91 18.33
CA GLY A 162 -22.98 -20.54 17.09
C GLY A 162 -23.40 -21.36 15.89
N GLN A 163 -23.44 -22.68 16.08
CA GLN A 163 -23.79 -23.61 15.01
C GLN A 163 -25.23 -23.42 14.56
N GLU A 164 -26.16 -23.37 15.52
CA GLU A 164 -27.56 -23.03 15.20
C GLU A 164 -27.67 -21.72 14.42
N GLN A 165 -26.89 -20.71 14.85
CA GLN A 165 -26.89 -19.40 14.18
C GLN A 165 -26.50 -19.55 12.71
N MET A 166 -25.41 -20.28 12.46
CA MET A 166 -24.95 -20.56 11.10
C MET A 166 -26.01 -21.25 10.26
N GLU A 167 -26.62 -22.30 10.82
CA GLU A 167 -27.57 -23.12 10.07
C GLU A 167 -28.88 -22.40 9.75
N THR A 168 -29.26 -21.45 10.59
CA THR A 168 -30.59 -20.86 10.48
C THR A 168 -30.61 -19.38 10.10
N GLY A 169 -29.45 -18.73 10.09
CA GLY A 169 -29.40 -17.29 9.78
C GLY A 169 -30.02 -16.46 10.91
N SER A 170 -30.17 -17.10 12.07
CA SER A 170 -30.68 -16.42 13.27
C SER A 170 -29.69 -15.41 13.82
N LEU A 171 -30.19 -14.46 14.62
CA LEU A 171 -29.31 -13.55 15.37
C LEU A 171 -29.16 -14.07 16.78
N ILE A 172 -27.93 -14.12 17.26
CA ILE A 172 -27.72 -14.37 18.67
C ILE A 172 -27.78 -13.04 19.43
N VAL A 173 -28.77 -12.90 20.30
CA VAL A 173 -28.89 -11.69 21.09
C VAL A 173 -28.59 -12.02 22.53
N TYR A 174 -27.64 -11.30 23.12
CA TYR A 174 -27.31 -11.51 24.52
C TYR A 174 -26.94 -10.23 25.26
N THR A 175 -26.71 -10.33 26.56
CA THR A 175 -26.37 -9.16 27.36
C THR A 175 -25.23 -9.51 28.32
N SER A 176 -24.75 -8.52 29.06
CA SER A 176 -23.75 -8.76 30.10
C SER A 176 -24.36 -8.31 31.42
N ALA A 177 -23.53 -8.09 32.43
CA ALA A 177 -24.02 -7.53 33.69
C ALA A 177 -24.25 -6.04 33.55
N ASP A 178 -23.77 -5.48 32.44
CA ASP A 178 -23.94 -4.06 32.15
C ASP A 178 -25.10 -3.80 31.21
N SER A 179 -25.37 -2.52 30.95
CA SER A 179 -26.52 -2.12 30.16
C SER A 179 -26.15 -2.18 28.68
N VAL A 180 -26.15 -3.39 28.13
CA VAL A 180 -25.78 -3.58 26.75
C VAL A 180 -26.71 -4.59 26.07
N LEU A 181 -26.80 -4.48 24.76
CA LEU A 181 -27.49 -5.47 23.95
C LEU A 181 -26.51 -5.87 22.87
N GLN A 182 -26.11 -7.15 22.87
CA GLN A 182 -25.08 -7.66 21.94
C GLN A 182 -25.72 -8.60 20.92
N ILE A 183 -25.33 -8.43 19.66
CA ILE A 183 -25.89 -9.20 18.54
C ILE A 183 -24.76 -9.90 17.79
N ALA A 184 -24.67 -11.21 17.94
CA ALA A 184 -23.60 -11.95 17.32
C ALA A 184 -24.09 -12.67 16.07
N ALA A 185 -23.28 -12.67 15.03
CA ALA A 185 -23.65 -13.34 13.79
C ALA A 185 -22.39 -13.70 13.00
N HIS A 186 -22.40 -14.89 12.40
CA HIS A 186 -21.25 -15.35 11.64
C HIS A 186 -21.11 -14.51 10.38
N GLU A 187 -19.89 -14.07 10.10
CA GLU A 187 -19.60 -13.16 8.99
C GLU A 187 -19.88 -13.76 7.60
N GLU A 188 -19.87 -15.08 7.52
CA GLU A 188 -20.11 -15.76 6.25
C GLU A 188 -21.55 -16.20 6.11
N VAL A 189 -22.37 -15.92 7.12
CA VAL A 189 -23.82 -16.20 7.06
C VAL A 189 -24.65 -14.91 7.00
N VAL A 190 -24.36 -13.99 7.92
CA VAL A 190 -24.97 -12.68 7.91
C VAL A 190 -23.89 -11.67 7.52
N PRO A 191 -24.05 -11.02 6.35
CA PRO A 191 -23.08 -10.04 5.93
C PRO A 191 -22.88 -8.94 6.99
N LEU A 192 -21.64 -8.51 7.16
CA LEU A 192 -21.27 -7.48 8.13
C LEU A 192 -22.17 -6.24 8.05
N ASP A 193 -22.36 -5.72 6.84
CA ASP A 193 -23.16 -4.51 6.64
C ASP A 193 -24.63 -4.72 7.01
N GLU A 194 -25.09 -5.98 6.98
CA GLU A 194 -26.44 -6.29 7.40
C GLU A 194 -26.49 -6.36 8.91
N LEU A 195 -25.46 -6.93 9.52
CA LEU A 195 -25.32 -6.93 10.97
C LEU A 195 -25.31 -5.51 11.56
N TYR A 196 -24.63 -4.59 10.89
CA TYR A 196 -24.58 -3.20 11.34
C TYR A 196 -25.96 -2.57 11.19
N LYS A 197 -26.65 -2.86 10.08
CA LYS A 197 -28.01 -2.33 9.87
C LYS A 197 -28.98 -2.80 10.95
N ILE A 198 -28.94 -4.10 11.24
CA ILE A 198 -29.70 -4.69 12.35
C ILE A 198 -29.41 -4.02 13.70
N CYS A 199 -28.15 -3.70 13.95
CA CYS A 199 -27.74 -3.09 15.21
C CYS A 199 -28.24 -1.66 15.30
N LYS A 200 -28.25 -0.97 14.17
CA LYS A 200 -28.88 0.36 14.08
C LYS A 200 -30.39 0.34 14.34
N ILE A 201 -31.09 -0.64 13.80
CA ILE A 201 -32.53 -0.82 14.09
C ILE A 201 -32.74 -1.06 15.60
N ALA A 202 -31.94 -1.95 16.18
CA ALA A 202 -31.96 -2.25 17.61
C ALA A 202 -31.66 -1.00 18.45
N ARG A 203 -30.71 -0.20 17.97
CA ARG A 203 -30.34 1.04 18.65
C ARG A 203 -31.53 2.04 18.71
N GLU A 204 -32.32 2.11 17.64
CA GLU A 204 -33.53 2.95 17.61
C GLU A 204 -34.59 2.39 18.53
N LEU A 205 -34.79 1.07 18.50
CA LEU A 205 -35.80 0.46 19.36
C LEU A 205 -35.51 0.60 20.83
N THR A 206 -34.23 0.65 21.18
CA THR A 206 -33.84 0.68 22.59
C THR A 206 -33.81 2.10 23.14
N LEU A 207 -34.10 3.09 22.30
CA LEU A 207 -34.27 4.46 22.80
C LEU A 207 -35.70 4.60 23.33
N ASP A 208 -35.93 3.96 24.47
CA ASP A 208 -37.28 3.75 24.97
C ASP A 208 -37.04 3.39 26.39
N GLU A 209 -37.68 4.12 27.31
CA GLU A 209 -37.37 3.96 28.73
C GLU A 209 -37.68 2.56 29.26
N LYS A 210 -38.71 1.92 28.71
CA LYS A 210 -39.00 0.49 28.99
C LYS A 210 -37.78 -0.41 28.82
N TYR A 211 -37.01 -0.20 27.76
CA TYR A 211 -35.87 -1.06 27.52
C TYR A 211 -34.61 -0.28 27.17
N MET A 212 -34.26 0.72 27.97
CA MET A 212 -33.19 1.61 27.55
C MET A 212 -31.79 1.02 27.79
N VAL A 213 -31.09 0.67 26.71
CA VAL A 213 -29.74 0.13 26.85
C VAL A 213 -28.70 1.20 26.55
N GLY A 214 -27.62 1.21 27.33
CA GLY A 214 -26.57 2.18 27.09
C GLY A 214 -25.89 1.95 25.75
N ARG A 215 -25.77 0.69 25.37
CA ARG A 215 -24.94 0.32 24.25
C ARG A 215 -25.50 -0.90 23.52
N VAL A 216 -25.59 -0.79 22.20
CA VAL A 216 -25.88 -1.92 21.30
C VAL A 216 -24.55 -2.31 20.67
N ILE A 217 -24.18 -3.58 20.71
CA ILE A 217 -22.87 -4.02 20.18
C ILE A 217 -22.97 -5.11 19.11
N ALA A 218 -22.44 -4.83 17.92
CA ALA A 218 -22.30 -5.86 16.89
C ALA A 218 -21.15 -6.78 17.27
N ARG A 219 -21.40 -8.08 17.29
CA ARG A 219 -20.34 -9.06 17.59
C ARG A 219 -20.19 -10.08 16.48
N PRO A 220 -19.61 -9.67 15.34
CA PRO A 220 -19.43 -10.64 14.28
C PRO A 220 -18.40 -11.70 14.69
N PHE A 221 -18.57 -12.92 14.18
CA PHE A 221 -17.62 -14.00 14.45
C PHE A 221 -17.36 -14.86 13.20
N VAL A 222 -16.26 -15.61 13.23
CA VAL A 222 -15.96 -16.55 12.15
C VAL A 222 -15.56 -17.88 12.73
N GLY A 223 -15.15 -18.80 11.85
CA GLY A 223 -14.72 -20.13 12.28
C GLY A 223 -15.84 -21.14 12.21
N GLU A 224 -15.67 -22.24 12.92
CA GLU A 224 -16.68 -23.31 12.90
C GLU A 224 -16.81 -23.98 14.26
N PRO A 225 -17.89 -24.78 14.46
CA PRO A 225 -18.26 -25.30 15.76
C PRO A 225 -17.05 -25.83 16.51
N GLY A 226 -16.91 -25.45 17.77
CA GLY A 226 -15.76 -25.84 18.56
C GLY A 226 -14.55 -24.96 18.33
N ASN A 227 -14.64 -24.04 17.36
CA ASN A 227 -13.53 -23.15 17.06
C ASN A 227 -14.01 -21.78 16.54
N PHE A 228 -14.91 -21.12 17.28
CA PHE A 228 -15.43 -19.82 16.89
C PHE A 228 -14.60 -18.70 17.48
N THR A 229 -14.24 -17.70 16.67
CA THR A 229 -13.55 -16.53 17.20
C THR A 229 -14.24 -15.23 16.79
N ARG A 230 -14.44 -14.34 17.77
CA ARG A 230 -15.00 -13.01 17.54
C ARG A 230 -13.99 -12.18 16.74
N THR A 231 -14.46 -11.49 15.71
CA THR A 231 -13.59 -10.71 14.85
C THR A 231 -13.48 -9.25 15.30
N PRO A 232 -12.41 -8.54 14.85
CA PRO A 232 -12.22 -7.13 15.18
C PRO A 232 -13.20 -6.21 14.44
N ASN A 233 -14.26 -6.76 13.88
CA ASN A 233 -15.18 -5.92 13.11
C ASN A 233 -16.31 -5.48 14.01
N ARG A 234 -16.07 -5.56 15.31
CA ARG A 234 -17.01 -5.10 16.33
C ARG A 234 -17.31 -3.62 16.20
N HIS A 235 -18.58 -3.25 16.35
CA HIS A 235 -18.99 -1.86 16.30
C HIS A 235 -19.96 -1.61 17.43
N ASP A 236 -19.86 -0.42 18.03
CA ASP A 236 -20.70 -0.05 19.16
C ASP A 236 -21.66 1.04 18.74
N TYR A 237 -22.86 1.01 19.31
CA TYR A 237 -23.84 2.04 19.05
C TYR A 237 -24.28 2.54 20.41
N ALA A 238 -23.66 3.65 20.83
CA ALA A 238 -23.91 4.30 22.11
C ALA A 238 -24.89 5.44 21.94
N LEU A 239 -25.50 5.88 23.03
CA LEU A 239 -26.30 7.08 23.02
C LEU A 239 -25.41 8.26 23.35
N LYS A 240 -25.70 9.40 22.74
CA LYS A 240 -25.05 10.65 23.12
C LYS A 240 -25.56 11.11 24.48
N PRO A 241 -24.70 11.81 25.25
CA PRO A 241 -25.13 12.32 26.56
C PRO A 241 -26.40 13.16 26.37
N PHE A 242 -27.28 13.15 27.37
CA PHE A 242 -28.58 13.86 27.26
C PHE A 242 -28.39 15.33 27.56
N GLY A 243 -27.67 16.01 26.68
CA GLY A 243 -27.29 17.39 26.93
C GLY A 243 -25.85 17.65 26.56
N ARG A 244 -25.52 18.90 26.36
CA ARG A 244 -24.16 19.31 26.06
C ARG A 244 -23.39 19.38 27.36
N THR A 245 -22.22 18.73 27.38
CA THR A 245 -21.44 18.60 28.60
C THR A 245 -20.35 19.67 28.70
N VAL A 246 -19.70 19.73 29.85
CA VAL A 246 -18.52 20.56 30.06
C VAL A 246 -17.40 20.18 29.06
N MET A 247 -17.32 18.91 28.66
CA MET A 247 -16.37 18.52 27.61
C MET A 247 -16.67 19.18 26.27
N ASN A 248 -17.95 19.20 25.87
CA ASN A 248 -18.36 19.96 24.68
C ASN A 248 -17.84 21.41 24.76
N GLU A 249 -18.03 22.03 25.92
CA GLU A 249 -17.68 23.43 26.11
C GLU A 249 -16.18 23.63 26.09
N LEU A 250 -15.41 22.73 26.72
CA LEU A 250 -13.94 22.83 26.65
C LEU A 250 -13.49 22.72 25.21
N LYS A 251 -14.06 21.77 24.47
CA LYS A 251 -13.64 21.52 23.10
C LYS A 251 -13.94 22.73 22.22
N ASP A 252 -15.12 23.31 22.42
CA ASP A 252 -15.57 24.46 21.64
C ASP A 252 -14.78 25.74 21.95
N SER A 253 -14.10 25.78 23.09
CA SER A 253 -13.23 26.90 23.43
C SER A 253 -11.77 26.62 23.15
N ASP A 254 -11.50 25.63 22.29
CA ASP A 254 -10.15 25.31 21.82
C ASP A 254 -9.20 24.75 22.90
N TYR A 255 -9.75 24.22 23.97
CA TYR A 255 -8.96 23.49 24.96
C TYR A 255 -8.73 22.06 24.52
N ASP A 256 -7.75 21.42 25.12
CA ASP A 256 -7.50 19.99 24.90
C ASP A 256 -8.41 19.17 25.80
N VAL A 257 -9.01 18.14 25.23
CA VAL A 257 -9.79 17.18 26.00
C VAL A 257 -9.33 15.79 25.61
N ILE A 258 -8.44 15.24 26.42
CA ILE A 258 -7.85 13.93 26.13
C ILE A 258 -8.58 12.85 26.92
N ALA A 259 -9.21 11.94 26.18
CA ALA A 259 -9.95 10.83 26.78
C ALA A 259 -9.08 9.58 26.81
N ILE A 260 -8.95 8.99 27.99
CA ILE A 260 -8.18 7.78 28.11
C ILE A 260 -9.07 6.64 28.52
N GLY A 261 -8.96 5.53 27.80
CA GLY A 261 -9.72 4.32 28.13
C GLY A 261 -11.13 4.38 27.58
N LYS A 262 -12.12 4.02 28.40
CA LYS A 262 -13.53 3.98 27.96
C LYS A 262 -14.20 5.36 27.87
N ILE A 263 -13.52 6.39 28.37
CA ILE A 263 -14.07 7.76 28.44
C ILE A 263 -14.72 8.23 27.14
N SER A 264 -13.98 8.10 26.03
CA SER A 264 -14.50 8.50 24.73
C SER A 264 -15.80 7.78 24.38
N ASP A 265 -15.82 6.45 24.50
CA ASP A 265 -17.03 5.66 24.26
C ASP A 265 -18.22 6.03 25.17
N ILE A 266 -17.91 6.27 26.44
CA ILE A 266 -18.93 6.66 27.42
C ILE A 266 -19.67 7.94 27.01
N TYR A 267 -18.94 8.91 26.46
CA TYR A 267 -19.55 10.17 25.98
C TYR A 267 -19.87 10.16 24.46
N ASP A 268 -19.73 8.99 23.84
CA ASP A 268 -19.84 8.83 22.39
C ASP A 268 -19.00 9.86 21.63
N GLY A 269 -17.80 10.14 22.14
CA GLY A 269 -16.87 11.08 21.53
C GLY A 269 -17.14 12.56 21.74
N GLU A 270 -18.26 12.91 22.35
CA GLU A 270 -18.64 14.32 22.55
C GLU A 270 -17.66 15.10 23.40
N GLY A 271 -17.12 16.18 22.84
CA GLY A 271 -16.17 17.02 23.54
C GLY A 271 -14.72 16.53 23.54
N VAL A 272 -14.47 15.38 22.93
CA VAL A 272 -13.14 14.75 22.94
C VAL A 272 -12.27 15.28 21.79
N THR A 273 -11.06 15.75 22.10
CA THR A 273 -10.10 16.16 21.07
C THR A 273 -9.08 15.05 20.75
N GLU A 274 -8.78 14.21 21.72
CA GLU A 274 -7.90 13.06 21.48
C GLU A 274 -8.28 11.90 22.39
N SER A 275 -8.20 10.69 21.85
CA SER A 275 -8.61 9.50 22.58
C SER A 275 -7.52 8.42 22.63
N LEU A 276 -7.19 7.98 23.83
CA LEU A 276 -6.13 6.97 23.99
C LEU A 276 -6.71 5.63 24.48
N ARG A 277 -6.72 4.64 23.59
CA ARG A 277 -7.17 3.30 23.95
C ARG A 277 -6.28 2.67 25.03
N THR A 278 -6.89 1.95 25.98
CA THR A 278 -6.11 1.20 26.98
C THR A 278 -6.66 -0.22 27.09
N LYS A 279 -5.84 -1.16 27.55
CA LYS A 279 -6.24 -2.55 27.66
C LYS A 279 -6.28 -3.07 29.10
N SER A 280 -5.85 -2.24 30.04
CA SER A 280 -5.87 -2.64 31.45
C SER A 280 -5.72 -1.43 32.33
N ASN A 281 -5.97 -1.60 33.63
CA ASN A 281 -5.72 -0.54 34.61
C ASN A 281 -4.28 0.00 34.56
N MET A 282 -3.29 -0.90 34.54
CA MET A 282 -1.89 -0.51 34.46
C MET A 282 -1.63 0.25 33.16
N ASP A 283 -2.23 -0.23 32.07
CA ASP A 283 -2.12 0.44 30.79
C ASP A 283 -2.76 1.85 30.88
N GLY A 284 -3.90 1.95 31.56
CA GLY A 284 -4.53 3.25 31.81
C GLY A 284 -3.60 4.20 32.53
N MET A 285 -2.89 3.72 33.56
CA MET A 285 -1.92 4.55 34.30
C MET A 285 -0.72 4.95 33.41
N ASP A 286 -0.29 4.03 32.53
CA ASP A 286 0.74 4.38 31.55
C ASP A 286 0.31 5.54 30.66
N LYS A 287 -0.94 5.49 30.18
CA LYS A 287 -1.48 6.56 29.32
C LYS A 287 -1.66 7.88 30.07
N LEU A 288 -2.02 7.79 31.34
CA LEU A 288 -2.07 8.96 32.20
C LEU A 288 -0.69 9.59 32.26
N VAL A 289 0.33 8.76 32.48
CA VAL A 289 1.70 9.25 32.52
C VAL A 289 2.09 9.88 31.17
N ASP A 290 1.65 9.28 30.06
CA ASP A 290 1.91 9.89 28.74
C ASP A 290 1.32 11.29 28.65
N THR A 291 0.10 11.50 29.18
CA THR A 291 -0.51 12.83 29.08
C THR A 291 0.21 13.86 29.95
N LEU A 292 0.74 13.42 31.09
CA LEU A 292 1.54 14.31 31.93
C LEU A 292 2.81 14.78 31.23
N ASN A 293 3.33 13.97 30.31
CA ASN A 293 4.44 14.39 29.45
C ASN A 293 4.02 15.30 28.29
N MET A 294 2.72 15.43 28.08
CA MET A 294 2.20 16.26 26.98
C MET A 294 2.01 17.71 27.38
N ASP A 295 2.29 18.59 26.44
CA ASP A 295 2.09 20.02 26.65
C ASP A 295 0.66 20.32 26.19
N PHE A 296 -0.29 20.26 27.09
CA PHE A 296 -1.65 20.58 26.72
C PHE A 296 -2.23 21.59 27.70
N THR A 297 -3.33 22.21 27.31
CA THR A 297 -4.10 23.05 28.20
C THR A 297 -5.55 22.55 28.14
N GLY A 298 -6.05 22.08 29.28
CA GLY A 298 -7.38 21.53 29.35
C GLY A 298 -7.46 20.36 30.28
N LEU A 299 -8.15 19.32 29.82
CA LEU A 299 -8.52 18.20 30.65
C LEU A 299 -7.97 16.88 30.10
N SER A 300 -7.36 16.11 30.99
CA SER A 300 -7.00 14.75 30.71
C SER A 300 -7.92 13.90 31.58
N PHE A 301 -8.62 12.96 30.94
CA PHE A 301 -9.72 12.25 31.55
C PHE A 301 -9.54 10.72 31.40
N LEU A 302 -9.31 10.06 32.53
CA LEU A 302 -9.06 8.63 32.58
C LEU A 302 -10.17 7.85 33.28
N ASN A 303 -10.62 6.78 32.64
CA ASN A 303 -11.42 5.77 33.31
C ASN A 303 -10.60 4.48 33.55
N LEU A 304 -10.50 4.07 34.81
CA LEU A 304 -9.88 2.80 35.17
C LEU A 304 -11.00 1.76 35.31
N VAL A 305 -11.17 0.94 34.29
CA VAL A 305 -12.39 0.12 34.16
C VAL A 305 -12.34 -1.29 34.79
N ASP A 306 -11.13 -1.83 35.02
CA ASP A 306 -10.97 -3.20 35.52
C ASP A 306 -11.73 -3.44 36.82
N PHE A 307 -11.71 -2.46 37.71
CA PHE A 307 -12.43 -2.55 38.99
C PHE A 307 -13.87 -3.03 38.79
N ASP A 308 -14.55 -2.42 37.83
CA ASP A 308 -15.92 -2.76 37.53
C ASP A 308 -16.05 -4.03 36.68
N ALA A 309 -15.38 -4.05 35.52
CA ALA A 309 -15.61 -5.11 34.52
C ALA A 309 -15.08 -6.48 34.96
N LEU A 310 -13.94 -6.52 35.66
CA LEU A 310 -13.30 -7.78 36.01
C LEU A 310 -13.63 -8.27 37.42
N PHE A 311 -13.92 -7.36 38.34
CA PHE A 311 -14.02 -7.72 39.76
C PHE A 311 -15.33 -7.44 40.44
N GLY A 312 -15.89 -6.25 40.19
CA GLY A 312 -17.18 -5.87 40.78
C GLY A 312 -18.32 -6.77 40.32
N HIS A 313 -18.49 -6.90 38.99
CA HIS A 313 -19.59 -7.67 38.43
C HIS A 313 -19.38 -9.15 38.66
N ARG A 314 -18.13 -9.59 38.68
CA ARG A 314 -17.84 -10.99 38.94
C ARG A 314 -17.85 -11.29 40.43
N ARG A 315 -18.14 -10.28 41.26
CA ARG A 315 -18.22 -10.42 42.71
C ARG A 315 -16.96 -11.11 43.28
N ASP A 316 -15.81 -10.49 43.03
CA ASP A 316 -14.51 -11.08 43.32
C ASP A 316 -13.74 -10.07 44.17
N PRO A 317 -13.96 -10.08 45.50
CA PRO A 317 -13.31 -9.03 46.34
C PRO A 317 -11.77 -9.17 46.43
N GLN A 318 -11.27 -10.38 46.24
CA GLN A 318 -9.82 -10.63 46.26
C GLN A 318 -9.13 -9.95 45.07
N GLY A 319 -9.63 -10.20 43.86
CA GLY A 319 -9.08 -9.56 42.66
C GLY A 319 -9.31 -8.05 42.65
N TYR A 320 -10.46 -7.62 43.18
CA TYR A 320 -10.73 -6.20 43.32
C TYR A 320 -9.68 -5.56 44.24
N GLY A 321 -9.46 -6.19 45.40
CA GLY A 321 -8.48 -5.69 46.39
C GLY A 321 -7.06 -5.61 45.83
N GLU A 322 -6.65 -6.66 45.13
CA GLU A 322 -5.34 -6.66 44.47
C GLU A 322 -5.23 -5.55 43.41
N ALA A 323 -6.32 -5.34 42.65
CA ALA A 323 -6.32 -4.28 41.64
C ALA A 323 -6.13 -2.89 42.25
N LEU A 324 -6.81 -2.65 43.38
CA LEU A 324 -6.67 -1.38 44.11
C LEU A 324 -5.24 -1.15 44.61
N GLN A 325 -4.62 -2.20 45.12
CA GLN A 325 -3.22 -2.07 45.58
C GLN A 325 -2.28 -1.81 44.42
N GLU A 326 -2.52 -2.50 43.30
CA GLU A 326 -1.70 -2.33 42.09
C GLU A 326 -1.78 -0.88 41.57
N TYR A 327 -3.00 -0.35 41.56
CA TYR A 327 -3.25 1.04 41.18
C TYR A 327 -2.60 2.04 42.14
N ASP A 328 -2.73 1.81 43.44
CA ASP A 328 -2.17 2.72 44.42
C ASP A 328 -0.63 2.83 44.29
N ALA A 329 0.03 1.70 43.98
CA ALA A 329 1.50 1.64 43.80
C ALA A 329 1.99 2.48 42.60
N ARG A 330 1.10 2.77 41.65
CA ARG A 330 1.46 3.58 40.49
C ARG A 330 1.45 5.08 40.81
N LEU A 331 0.80 5.46 41.90
CA LEU A 331 0.53 6.89 42.21
C LEU A 331 1.74 7.80 42.50
N PRO A 332 2.80 7.28 43.17
CA PRO A 332 3.92 8.19 43.41
C PRO A 332 4.54 8.77 42.13
N GLU A 333 4.54 8.01 41.05
CA GLU A 333 4.98 8.55 39.77
C GLU A 333 4.11 9.70 39.30
N VAL A 334 2.80 9.56 39.45
CA VAL A 334 1.87 10.64 39.11
C VAL A 334 2.16 11.88 39.96
N PHE A 335 2.34 11.72 41.26
CA PHE A 335 2.68 12.85 42.15
C PHE A 335 3.96 13.56 41.69
N ALA A 336 4.98 12.78 41.34
CA ALA A 336 6.30 13.33 40.96
C ALA A 336 6.22 14.14 39.67
N LYS A 337 5.21 13.85 38.84
CA LYS A 337 5.09 14.50 37.54
C LYS A 337 4.14 15.70 37.52
N LEU A 338 3.31 15.84 38.55
CA LEU A 338 2.38 16.97 38.59
C LEU A 338 3.12 18.28 38.77
N LYS A 339 2.74 19.29 38.00
CA LYS A 339 3.32 20.62 38.13
C LYS A 339 2.46 21.47 39.07
N GLU A 340 2.99 22.63 39.46
CA GLU A 340 2.29 23.54 40.37
C GLU A 340 0.93 24.01 39.84
N ASP A 341 0.82 24.12 38.53
CA ASP A 341 -0.44 24.49 37.88
C ASP A 341 -1.24 23.30 37.33
N ASP A 342 -0.96 22.12 37.84
CA ASP A 342 -1.75 20.92 37.55
C ASP A 342 -2.63 20.60 38.74
N LEU A 343 -3.84 20.18 38.45
CA LEU A 343 -4.74 19.66 39.45
C LEU A 343 -5.03 18.18 39.14
N LEU A 344 -5.00 17.33 40.17
CA LEU A 344 -5.38 15.94 40.07
C LEU A 344 -6.69 15.74 40.82
N LEU A 345 -7.66 15.16 40.13
CA LEU A 345 -8.95 14.79 40.70
C LEU A 345 -9.18 13.29 40.58
N ILE A 346 -9.37 12.64 41.72
CA ILE A 346 -9.68 11.23 41.75
C ILE A 346 -11.08 11.06 42.32
N THR A 347 -11.90 10.33 41.58
CA THR A 347 -13.25 10.00 42.01
C THR A 347 -13.72 8.63 41.50
N ALA A 348 -15.02 8.37 41.62
CA ALA A 348 -15.64 7.18 41.02
C ALA A 348 -17.02 7.57 40.47
N ASP A 349 -17.69 6.62 39.81
CA ASP A 349 -18.95 6.91 39.11
C ASP A 349 -20.20 6.22 39.70
N HIS A 350 -19.97 5.33 40.66
CA HIS A 350 -20.97 4.54 41.42
C HIS A 350 -20.18 3.52 42.24
N GLY A 351 -20.90 2.65 42.94
CA GLY A 351 -20.30 1.47 43.55
C GLY A 351 -20.60 0.20 42.76
N ASN A 352 -19.83 -0.85 43.05
CA ASN A 352 -20.06 -2.19 42.53
C ASN A 352 -19.45 -3.14 43.54
N ASP A 353 -20.18 -3.29 44.65
CA ASP A 353 -19.70 -3.99 45.85
C ASP A 353 -19.54 -5.50 45.55
N PRO A 354 -18.31 -6.02 45.62
CA PRO A 354 -18.09 -7.42 45.21
C PRO A 354 -18.59 -8.48 46.20
N ILE A 355 -19.11 -8.03 47.35
CA ILE A 355 -19.77 -8.90 48.33
C ILE A 355 -21.25 -8.47 48.49
N HIS A 356 -21.96 -8.42 47.38
CA HIS A 356 -23.35 -7.97 47.38
C HIS A 356 -24.13 -8.92 46.48
N PRO A 357 -25.44 -9.09 46.75
CA PRO A 357 -26.29 -9.93 45.91
C PRO A 357 -26.26 -9.53 44.45
N GLY A 358 -26.52 -10.47 43.56
CA GLY A 358 -26.69 -10.19 42.14
C GLY A 358 -25.42 -9.75 41.42
N THR A 359 -25.61 -9.07 40.29
CA THR A 359 -24.48 -8.69 39.47
C THR A 359 -24.46 -7.20 39.11
N ASP A 360 -25.40 -6.43 39.64
CA ASP A 360 -25.59 -5.02 39.26
C ASP A 360 -24.69 -4.11 40.12
N HIS A 361 -24.59 -2.85 39.70
CA HIS A 361 -23.95 -1.80 40.49
C HIS A 361 -24.65 -1.59 41.84
N THR A 362 -24.02 -0.82 42.71
CA THR A 362 -24.60 -0.46 43.98
C THR A 362 -24.64 1.06 44.10
N ARG A 363 -25.73 1.55 44.68
CA ARG A 363 -25.91 2.97 44.83
C ARG A 363 -25.10 3.49 46.04
N GLU A 364 -23.97 4.11 45.75
CA GLU A 364 -23.01 4.55 46.77
C GLU A 364 -22.56 5.99 46.60
N TYR A 365 -22.19 6.62 47.72
CA TYR A 365 -21.30 7.76 47.67
C TYR A 365 -19.99 7.38 46.93
N VAL A 366 -19.35 8.36 46.32
CA VAL A 366 -18.04 8.18 45.71
C VAL A 366 -17.02 9.12 46.35
N PRO A 367 -15.76 8.67 46.45
CA PRO A 367 -14.79 9.54 47.09
C PRO A 367 -14.39 10.66 46.16
N LEU A 368 -13.93 11.77 46.73
CA LEU A 368 -13.34 12.83 45.92
C LEU A 368 -12.05 13.27 46.57
N LEU A 369 -10.99 13.18 45.80
CA LEU A 369 -9.69 13.66 46.21
C LEU A 369 -9.21 14.68 45.19
N ALA A 370 -8.75 15.82 45.68
CA ALA A 370 -8.30 16.93 44.84
C ALA A 370 -6.91 17.38 45.29
N TYR A 371 -5.92 17.16 44.43
CA TYR A 371 -4.53 17.42 44.79
C TYR A 371 -3.75 18.20 43.76
N SER A 372 -3.08 19.24 44.24
CA SER A 372 -2.09 19.96 43.45
C SER A 372 -0.84 20.21 44.27
N PRO A 373 0.34 19.97 43.70
CA PRO A 373 1.60 20.25 44.40
C PRO A 373 1.68 21.69 44.90
N SER A 374 0.89 22.61 44.31
CA SER A 374 0.82 23.98 44.81
C SER A 374 0.13 24.09 46.17
N MET A 375 -0.59 23.06 46.61
CA MET A 375 -1.18 23.07 47.95
C MET A 375 -0.09 22.82 49.00
N LYS A 376 0.69 23.86 49.33
CA LYS A 376 1.91 23.69 50.16
C LYS A 376 1.61 23.36 51.62
N GLU A 377 0.40 23.63 52.06
CA GLU A 377 0.03 23.33 53.45
C GLU A 377 -0.84 22.07 53.56
N GLY A 378 -0.94 21.31 52.47
CA GLY A 378 -1.87 20.19 52.41
C GLY A 378 -3.30 20.69 52.21
N GLY A 379 -4.26 19.78 52.27
CA GLY A 379 -5.66 20.13 52.07
C GLY A 379 -6.53 19.95 53.30
N GLN A 380 -7.82 20.19 53.11
CA GLN A 380 -8.80 20.13 54.17
C GLN A 380 -10.01 19.39 53.63
N GLU A 381 -10.96 19.12 54.52
CA GLU A 381 -12.24 18.60 54.13
C GLU A 381 -13.04 19.65 53.36
N LEU A 382 -13.68 19.20 52.29
CA LEU A 382 -14.62 19.99 51.50
C LEU A 382 -16.01 19.66 51.98
N PRO A 383 -16.97 20.60 51.83
CA PRO A 383 -18.37 20.16 52.03
C PRO A 383 -18.71 18.97 51.08
N LEU A 384 -19.52 18.04 51.57
CA LEU A 384 -20.04 16.96 50.73
C LEU A 384 -20.63 17.47 49.38
N ARG A 385 -20.21 16.88 48.27
CA ARG A 385 -20.73 17.28 46.95
C ARG A 385 -22.09 16.66 46.72
N GLN A 386 -23.10 17.51 46.55
CA GLN A 386 -24.49 17.06 46.49
C GLN A 386 -24.89 16.55 45.11
N THR A 387 -24.03 16.81 44.13
CA THR A 387 -24.13 16.16 42.82
C THR A 387 -22.74 15.92 42.25
N PHE A 388 -22.57 14.88 41.42
CA PHE A 388 -21.28 14.61 40.74
C PHE A 388 -20.86 15.79 39.86
N ALA A 389 -21.87 16.54 39.40
CA ALA A 389 -21.70 17.72 38.53
C ALA A 389 -20.83 18.85 39.13
N ASP A 390 -20.65 18.84 40.44
CA ASP A 390 -19.66 19.70 41.05
C ASP A 390 -18.27 19.54 40.43
N ILE A 391 -17.91 18.33 40.00
CA ILE A 391 -16.65 18.15 39.28
C ILE A 391 -16.65 18.95 37.98
N GLY A 392 -17.66 18.75 37.14
CA GLY A 392 -17.80 19.51 35.89
C GLY A 392 -17.82 21.03 36.08
N ALA A 393 -18.58 21.50 37.07
CA ALA A 393 -18.63 22.92 37.43
C ALA A 393 -17.25 23.48 37.81
N THR A 394 -16.48 22.71 38.59
CA THR A 394 -15.10 23.08 38.95
C THR A 394 -14.19 23.18 37.71
N VAL A 395 -14.29 22.19 36.83
CA VAL A 395 -13.54 22.19 35.58
C VAL A 395 -13.93 23.40 34.71
N ALA A 396 -15.24 23.60 34.52
CA ALA A 396 -15.74 24.75 33.76
C ALA A 396 -15.27 26.10 34.30
N GLU A 397 -15.35 26.29 35.62
CA GLU A 397 -14.94 27.55 36.21
C GLU A 397 -13.43 27.76 36.04
N ASN A 398 -12.64 26.69 36.22
CA ASN A 398 -11.20 26.82 36.07
C ASN A 398 -10.83 27.32 34.70
N PHE A 399 -11.49 26.79 33.68
CA PHE A 399 -11.14 27.13 32.30
C PHE A 399 -11.94 28.29 31.70
N GLY A 400 -12.80 28.89 32.51
CA GLY A 400 -13.61 30.05 32.09
C GLY A 400 -14.60 29.77 30.96
N VAL A 401 -15.09 28.52 30.86
CA VAL A 401 -16.12 28.21 29.85
C VAL A 401 -17.50 28.31 30.50
N LYS A 402 -18.56 28.18 29.72
CA LYS A 402 -19.92 28.32 30.24
C LYS A 402 -20.18 27.31 31.36
N MET A 403 -20.68 27.77 32.51
CA MET A 403 -20.95 26.89 33.65
C MET A 403 -22.05 25.89 33.32
N PRO A 404 -21.94 24.65 33.82
CA PRO A 404 -23.06 23.73 33.52
C PRO A 404 -24.30 24.12 34.28
N GLU A 405 -25.44 23.57 33.87
CA GLU A 405 -26.71 23.90 34.48
C GLU A 405 -26.76 23.39 35.93
N TYR A 406 -26.08 22.27 36.19
CA TYR A 406 -26.08 21.62 37.49
C TYR A 406 -24.65 21.63 38.05
N GLY A 407 -24.53 21.63 39.37
CA GLY A 407 -23.21 21.54 39.99
C GLY A 407 -22.70 22.84 40.56
N THR A 408 -21.99 22.75 41.66
CA THR A 408 -21.40 23.90 42.33
C THR A 408 -19.88 23.70 42.38
N SER A 409 -19.14 24.63 41.79
CA SER A 409 -17.68 24.51 41.75
C SER A 409 -17.07 24.57 43.15
N PHE A 410 -16.00 23.82 43.38
CA PHE A 410 -15.23 23.93 44.60
C PHE A 410 -13.85 24.52 44.33
N LEU A 411 -13.68 25.15 43.15
CA LEU A 411 -12.40 25.68 42.72
C LEU A 411 -11.80 26.61 43.77
N ASN A 412 -12.62 27.54 44.27
CA ASN A 412 -12.16 28.53 45.24
C ASN A 412 -11.87 27.97 46.64
N GLU A 413 -12.39 26.78 46.93
CA GLU A 413 -12.00 26.08 48.16
C GLU A 413 -10.58 25.55 48.14
N LEU A 414 -10.00 25.39 46.96
CA LEU A 414 -8.66 24.80 46.81
C LEU A 414 -7.56 25.86 46.94
N ASN B 24 17.08 15.89 -36.52
CA ASN B 24 17.46 15.99 -35.06
C ASN B 24 18.92 16.41 -34.88
N LYS B 25 19.16 17.33 -33.96
CA LYS B 25 20.52 17.68 -33.63
C LYS B 25 21.11 16.49 -32.83
N TYR B 26 20.54 16.17 -31.69
CA TYR B 26 20.99 15.03 -30.92
C TYR B 26 20.07 13.81 -31.12
N LYS B 27 20.69 12.65 -31.33
CA LYS B 27 19.98 11.39 -31.42
C LYS B 27 19.41 10.96 -30.07
N ARG B 28 20.16 11.24 -29.00
CA ARG B 28 19.82 10.76 -27.64
C ARG B 28 20.08 11.86 -26.64
N ILE B 29 19.15 12.06 -25.72
CA ILE B 29 19.35 12.97 -24.61
C ILE B 29 19.30 12.18 -23.30
N PHE B 30 20.32 12.37 -22.48
CA PHE B 30 20.46 11.73 -21.19
C PHE B 30 20.23 12.82 -20.17
N LEU B 31 19.14 12.69 -19.43
CA LEU B 31 18.76 13.70 -18.47
C LEU B 31 18.86 13.09 -17.07
N VAL B 32 19.62 13.73 -16.22
CA VAL B 32 19.88 13.24 -14.88
C VAL B 32 19.39 14.29 -13.89
N VAL B 33 18.49 13.90 -13.01
CA VAL B 33 18.08 14.76 -11.92
C VAL B 33 18.75 14.23 -10.68
N MET B 34 19.61 15.04 -10.09
CA MET B 34 20.18 14.71 -8.80
C MET B 34 19.13 15.23 -7.83
N ASP B 35 18.34 14.33 -7.29
CA ASP B 35 17.19 14.75 -6.52
C ASP B 35 17.57 15.60 -5.28
N SER B 36 17.04 16.82 -5.22
CA SER B 36 17.18 17.79 -4.09
C SER B 36 18.47 18.58 -4.03
N VAL B 37 19.29 18.48 -5.08
CA VAL B 37 20.63 19.05 -5.07
C VAL B 37 20.60 20.52 -5.51
N GLY B 38 20.14 21.37 -4.61
CA GLY B 38 19.92 22.78 -4.92
C GLY B 38 21.19 23.59 -4.76
N ILE B 39 21.21 24.74 -5.42
CA ILE B 39 22.39 25.59 -5.47
C ILE B 39 22.15 27.02 -4.90
N GLY B 40 21.32 27.13 -3.85
CA GLY B 40 21.12 28.39 -3.15
C GLY B 40 19.72 28.98 -3.30
N GLU B 41 19.29 29.69 -2.26
CA GLU B 41 17.91 30.18 -2.14
C GLU B 41 17.39 30.87 -3.40
N ALA B 42 16.15 30.55 -3.76
CA ALA B 42 15.45 31.18 -4.88
C ALA B 42 14.96 32.57 -4.49
N PRO B 43 14.66 33.43 -5.48
CA PRO B 43 14.08 34.75 -5.21
C PRO B 43 12.86 34.72 -4.28
N ASP B 44 12.04 33.67 -4.36
CA ASP B 44 10.80 33.61 -3.55
C ASP B 44 10.95 32.75 -2.29
N ALA B 45 12.19 32.52 -1.86
CA ALA B 45 12.47 31.65 -0.71
C ALA B 45 11.76 32.05 0.58
N GLU B 46 11.62 33.37 0.78
CA GLU B 46 11.06 33.93 2.01
C GLU B 46 9.65 33.42 2.31
N GLN B 47 8.83 33.34 1.27
CA GLN B 47 7.45 32.84 1.45
C GLN B 47 7.38 31.33 1.72
N PHE B 48 8.51 30.64 1.62
CA PHE B 48 8.57 29.24 1.95
C PHE B 48 9.21 29.05 3.31
N GLY B 49 9.73 30.14 3.87
CA GLY B 49 10.49 30.06 5.11
C GLY B 49 11.85 29.44 4.87
N ASP B 50 12.41 29.70 3.69
CA ASP B 50 13.66 29.04 3.27
C ASP B 50 14.82 29.99 3.03
N LEU B 51 14.76 31.21 3.57
CA LEU B 51 15.91 32.15 3.54
C LEU B 51 17.14 31.50 4.14
N GLY B 52 18.30 31.73 3.52
CA GLY B 52 19.54 31.14 4.01
C GLY B 52 19.80 29.72 3.55
N SER B 53 18.86 29.12 2.82
CA SER B 53 19.06 27.74 2.39
C SER B 53 20.09 27.66 1.23
N ASP B 54 20.88 26.59 1.24
CA ASP B 54 21.95 26.41 0.27
C ASP B 54 22.41 24.96 0.32
N THR B 55 21.78 24.10 -0.48
CA THR B 55 22.09 22.68 -0.41
C THR B 55 23.58 22.36 -0.68
N ILE B 56 24.06 22.60 -1.89
CA ILE B 56 25.45 22.25 -2.20
C ILE B 56 26.43 23.04 -1.33
N GLY B 57 26.16 24.35 -1.21
CA GLY B 57 27.01 25.30 -0.49
C GLY B 57 27.24 24.90 0.94
N HIS B 58 26.19 24.53 1.67
CA HIS B 58 26.37 24.15 3.06
C HIS B 58 27.01 22.77 3.22
N ILE B 59 26.73 21.86 2.28
CA ILE B 59 27.44 20.58 2.29
C ILE B 59 28.94 20.81 2.10
N ALA B 60 29.27 21.63 1.11
CA ALA B 60 30.67 21.97 0.83
C ALA B 60 31.39 22.50 2.09
N GLU B 61 30.77 23.47 2.76
CA GLU B 61 31.27 24.01 4.04
C GLU B 61 31.44 22.89 5.06
N HIS B 62 30.43 22.03 5.20
CA HIS B 62 30.52 20.96 6.16
C HIS B 62 31.65 19.98 5.89
N MET B 63 31.86 19.64 4.62
CA MET B 63 32.86 18.68 4.18
C MET B 63 34.28 19.26 4.26
N ASN B 64 34.35 20.57 4.50
CA ASN B 64 35.61 21.32 4.42
C ASN B 64 36.22 21.22 3.04
N GLY B 65 35.37 21.34 2.01
CA GLY B 65 35.80 21.13 0.63
C GLY B 65 35.16 19.89 0.05
N LEU B 66 34.31 20.08 -0.93
CA LEU B 66 33.62 18.98 -1.56
C LEU B 66 34.50 18.52 -2.72
N GLN B 67 34.73 17.22 -2.83
CA GLN B 67 35.52 16.71 -3.96
C GLN B 67 34.66 16.23 -5.13
N MET B 68 34.44 17.12 -6.08
CA MET B 68 33.61 16.82 -7.23
C MET B 68 34.27 17.24 -8.53
N PRO B 69 35.49 16.72 -8.81
CA PRO B 69 36.28 17.22 -9.92
C PRO B 69 35.59 17.12 -11.29
N ASN B 70 34.73 16.13 -11.45
CA ASN B 70 34.07 15.94 -12.72
C ASN B 70 32.91 16.92 -12.94
N MET B 71 32.18 17.23 -11.88
CA MET B 71 31.15 18.27 -11.96
C MET B 71 31.82 19.62 -12.11
N VAL B 72 32.98 19.79 -11.45
CA VAL B 72 33.82 20.98 -11.65
C VAL B 72 34.25 21.11 -13.13
N LYS B 73 34.79 20.02 -13.70
CA LYS B 73 35.15 20.04 -15.13
C LYS B 73 34.01 20.47 -16.06
N LEU B 74 32.77 20.07 -15.72
CA LEU B 74 31.59 20.39 -16.53
C LEU B 74 31.19 21.85 -16.37
N GLY B 75 31.57 22.45 -15.25
CA GLY B 75 31.29 23.85 -15.01
C GLY B 75 30.46 24.17 -13.79
N LEU B 76 30.32 23.23 -12.85
CA LEU B 76 29.56 23.49 -11.64
C LEU B 76 30.08 24.72 -10.88
N GLY B 77 31.39 24.84 -10.78
CA GLY B 77 32.04 25.99 -10.10
C GLY B 77 31.80 27.29 -10.84
N ASN B 78 31.62 27.20 -12.15
CA ASN B 78 31.30 28.36 -12.98
C ASN B 78 29.88 28.88 -12.76
N ILE B 79 28.97 28.03 -12.28
CA ILE B 79 27.63 28.49 -11.88
C ILE B 79 27.76 29.29 -10.59
N ARG B 80 28.48 28.72 -9.64
CA ARG B 80 28.71 29.32 -8.34
C ARG B 80 29.91 28.64 -7.67
N GLU B 81 30.83 29.43 -7.14
CA GLU B 81 31.99 28.88 -6.42
C GLU B 81 31.63 28.55 -4.99
N MET B 82 32.14 27.42 -4.52
CA MET B 82 31.80 26.92 -3.19
C MET B 82 33.06 26.22 -2.73
N LYS B 83 33.10 25.87 -1.45
CA LYS B 83 34.31 25.31 -0.88
C LYS B 83 34.69 23.99 -1.57
N GLY B 84 35.86 23.98 -2.21
CA GLY B 84 36.36 22.80 -2.92
C GLY B 84 35.80 22.72 -4.33
N ILE B 85 34.94 23.67 -4.68
CA ILE B 85 34.31 23.72 -6.00
C ILE B 85 34.61 25.06 -6.69
N SER B 86 35.61 25.06 -7.54
CA SER B 86 36.09 26.27 -8.20
C SER B 86 35.70 26.32 -9.65
N LYS B 87 35.73 27.53 -10.22
CA LYS B 87 35.49 27.72 -11.65
C LYS B 87 36.68 27.27 -12.47
N VAL B 88 36.41 26.89 -13.71
CA VAL B 88 37.44 26.44 -14.64
C VAL B 88 37.42 27.35 -15.85
N GLU B 89 38.58 27.48 -16.49
CA GLU B 89 38.73 28.37 -17.65
C GLU B 89 37.89 27.85 -18.82
N LYS B 90 37.90 26.55 -19.05
CA LYS B 90 37.22 25.98 -20.21
C LYS B 90 36.28 24.84 -19.78
N PRO B 91 35.04 25.18 -19.37
CA PRO B 91 34.11 24.13 -18.95
C PRO B 91 33.77 23.22 -20.12
N LEU B 92 33.63 21.91 -19.85
CA LEU B 92 33.34 20.94 -20.88
C LEU B 92 32.02 21.23 -21.58
N GLY B 93 31.02 21.70 -20.84
CA GLY B 93 29.76 22.06 -21.46
C GLY B 93 29.22 23.39 -21.01
N TYR B 94 27.96 23.65 -21.32
CA TYR B 94 27.30 24.88 -20.95
C TYR B 94 26.75 24.79 -19.53
N TYR B 95 26.49 25.95 -18.91
CA TYR B 95 26.09 25.96 -17.50
C TYR B 95 25.23 27.18 -17.18
N THR B 96 24.34 27.03 -16.21
CA THR B 96 23.55 28.11 -15.65
C THR B 96 22.81 27.53 -14.47
N LYS B 97 21.86 28.28 -13.94
CA LYS B 97 20.93 27.74 -12.97
C LYS B 97 19.49 27.97 -13.43
N MET B 98 18.55 27.26 -12.79
CA MET B 98 17.14 27.33 -13.13
C MET B 98 16.32 27.75 -11.93
N GLN B 99 15.34 28.60 -12.20
CA GLN B 99 14.38 29.04 -11.22
C GLN B 99 13.07 28.27 -11.40
N GLU B 100 12.47 27.85 -10.29
CA GLU B 100 11.19 27.18 -10.30
C GLU B 100 10.05 28.20 -10.42
N LYS B 101 9.18 27.98 -11.38
CA LYS B 101 8.01 28.85 -11.58
C LYS B 101 6.73 28.34 -10.87
N SER B 102 6.56 27.03 -10.78
CA SER B 102 5.39 26.43 -10.11
C SER B 102 5.36 26.75 -8.60
N THR B 103 4.19 26.64 -8.01
CA THR B 103 3.93 26.99 -6.61
C THR B 103 4.73 26.16 -5.62
N GLY B 104 4.77 24.84 -5.79
CA GLY B 104 5.35 23.95 -4.78
C GLY B 104 6.86 23.71 -4.89
N LYS B 105 7.41 23.08 -3.87
CA LYS B 105 8.82 22.66 -3.90
C LYS B 105 8.99 21.14 -3.73
N ASP B 106 7.92 20.40 -4.01
CA ASP B 106 7.94 18.94 -3.91
C ASP B 106 8.54 18.31 -5.20
N TPO B 107 8.89 17.02 -5.14
CA TPO B 107 9.47 16.29 -6.29
CB TPO B 107 9.85 14.86 -5.86
CG2 TPO B 107 10.41 14.03 -7.00
OG1 TPO B 107 10.87 14.86 -4.85
P TPO B 107 11.00 13.77 -3.64
O1P TPO B 107 11.49 14.57 -2.48
O2P TPO B 107 12.00 12.75 -4.14
O3P TPO B 107 9.62 13.20 -3.43
C TPO B 107 8.57 16.27 -7.52
O TPO B 107 9.02 16.46 -8.66
N MET B 108 7.29 16.04 -7.30
CA MET B 108 6.36 15.97 -8.42
C MET B 108 6.28 17.28 -9.19
N THR B 109 6.14 18.38 -8.45
CA THR B 109 6.10 19.70 -9.04
C THR B 109 7.35 19.94 -9.89
N GLY B 110 8.53 19.74 -9.29
CA GLY B 110 9.77 19.94 -10.01
C GLY B 110 9.85 19.16 -11.32
N HIS B 111 9.61 17.85 -11.25
CA HIS B 111 9.69 16.98 -12.41
C HIS B 111 8.63 17.30 -13.47
N TRP B 112 7.41 17.57 -13.03
CA TRP B 112 6.33 17.95 -13.95
C TRP B 112 6.68 19.26 -14.64
N GLU B 113 7.30 20.19 -13.90
CA GLU B 113 7.72 21.43 -14.52
C GLU B 113 8.86 21.17 -15.52
N ILE B 114 9.84 20.35 -15.11
CA ILE B 114 10.94 19.96 -15.99
C ILE B 114 10.46 19.47 -17.35
N MET B 115 9.40 18.66 -17.36
CA MET B 115 8.86 18.10 -18.60
C MET B 115 7.75 18.94 -19.21
N GLY B 116 7.77 20.23 -18.90
CA GLY B 116 7.04 21.22 -19.68
C GLY B 116 5.70 21.70 -19.14
N LEU B 117 5.42 21.44 -17.88
CA LEU B 117 4.15 21.85 -17.26
C LEU B 117 4.32 23.03 -16.31
N TYR B 118 3.20 23.59 -15.91
CA TYR B 118 3.20 24.60 -14.85
C TYR B 118 2.18 24.11 -13.83
N ILE B 119 2.59 24.02 -12.57
CA ILE B 119 1.75 23.42 -11.54
C ILE B 119 1.39 24.45 -10.48
N ASP B 120 0.13 24.88 -10.50
CA ASP B 120 -0.32 25.86 -9.53
C ASP B 120 -0.58 25.32 -8.14
N THR B 121 -0.93 24.05 -8.06
CA THR B 121 -1.39 23.46 -6.82
C THR B 121 -0.28 22.57 -6.26
N PRO B 122 0.34 22.99 -5.14
CA PRO B 122 1.44 22.22 -4.57
C PRO B 122 0.96 20.91 -3.93
N PHE B 123 1.79 19.89 -3.93
CA PHE B 123 1.53 18.78 -3.05
C PHE B 123 1.92 19.17 -1.65
N GLN B 124 1.22 18.66 -0.66
CA GLN B 124 1.47 19.06 0.72
C GLN B 124 2.25 18.01 1.51
N VAL B 125 2.93 18.46 2.55
CA VAL B 125 3.50 17.55 3.53
C VAL B 125 2.85 17.81 4.88
N PHE B 126 2.91 16.83 5.77
CA PHE B 126 2.14 16.87 6.97
C PHE B 126 2.96 16.56 8.23
N PRO B 127 3.86 17.51 8.62
CA PRO B 127 4.73 17.27 9.76
C PRO B 127 3.92 17.07 11.05
N GLU B 128 2.71 17.59 11.10
CA GLU B 128 1.81 17.39 12.26
C GLU B 128 0.66 16.42 11.96
N GLY B 129 0.83 15.54 10.97
CA GLY B 129 -0.24 14.61 10.60
C GLY B 129 -1.29 15.29 9.76
N PHE B 130 -2.28 14.52 9.32
CA PHE B 130 -3.28 15.00 8.39
C PHE B 130 -4.40 15.70 9.12
N PRO B 131 -5.09 16.65 8.46
CA PRO B 131 -6.24 17.31 9.10
C PRO B 131 -7.39 16.35 9.42
N LYS B 132 -8.03 16.62 10.56
CA LYS B 132 -9.17 15.84 11.07
C LYS B 132 -10.24 15.60 10.02
N GLU B 133 -10.53 16.59 9.17
CA GLU B 133 -11.58 16.45 8.16
C GLU B 133 -11.33 15.33 7.15
N LEU B 134 -10.06 15.12 6.80
CA LEU B 134 -9.69 14.04 5.89
C LEU B 134 -9.85 12.69 6.59
N LEU B 135 -9.34 12.62 7.80
CA LEU B 135 -9.45 11.41 8.61
C LEU B 135 -10.93 11.00 8.86
N ASP B 136 -11.79 12.00 9.06
CA ASP B 136 -13.22 11.76 9.25
C ASP B 136 -13.88 11.20 8.01
N GLU B 137 -13.52 11.74 6.83
CA GLU B 137 -13.98 11.22 5.55
C GLU B 137 -13.49 9.79 5.30
N LEU B 138 -12.23 9.53 5.65
CA LEU B 138 -11.67 8.18 5.50
C LEU B 138 -12.40 7.22 6.42
N GLU B 139 -12.57 7.63 7.68
CA GLU B 139 -13.35 6.83 8.61
C GLU B 139 -14.76 6.54 8.08
N GLU B 140 -15.46 7.57 7.61
CA GLU B 140 -16.81 7.41 7.06
C GLU B 140 -16.89 6.38 5.94
N LYS B 141 -15.96 6.45 4.99
CA LYS B 141 -16.01 5.59 3.82
C LYS B 141 -15.50 4.17 4.03
N THR B 142 -14.60 4.00 5.01
CA THR B 142 -14.04 2.67 5.28
C THR B 142 -14.78 2.01 6.43
N GLY B 143 -15.45 2.81 7.24
CA GLY B 143 -16.10 2.29 8.44
C GLY B 143 -15.09 1.91 9.52
N ARG B 144 -13.85 2.39 9.39
CA ARG B 144 -12.80 2.08 10.34
C ARG B 144 -12.24 3.35 10.94
N LYS B 145 -11.93 3.30 12.23
CA LYS B 145 -11.29 4.43 12.87
C LYS B 145 -9.85 4.50 12.39
N ILE B 146 -9.30 5.72 12.45
CA ILE B 146 -7.93 5.98 12.03
C ILE B 146 -7.05 6.23 13.24
N ILE B 147 -5.92 5.53 13.32
CA ILE B 147 -4.96 5.73 14.42
C ILE B 147 -3.56 6.14 13.91
N GLY B 148 -2.78 6.74 14.80
CA GLY B 148 -1.44 7.25 14.50
C GLY B 148 -1.49 8.68 14.03
N ASN B 149 -1.56 8.86 12.70
CA ASN B 149 -1.65 10.18 12.09
C ASN B 149 -0.48 11.08 12.48
N LYS B 150 0.73 10.64 12.14
CA LYS B 150 1.95 11.39 12.39
C LYS B 150 3.05 10.91 11.45
N PRO B 151 4.12 11.70 11.30
CA PRO B 151 5.30 11.19 10.60
C PRO B 151 5.97 10.10 11.43
N ALA B 152 6.37 9.01 10.79
CA ALA B 152 7.04 7.91 11.49
C ALA B 152 7.70 6.97 10.50
N SER B 153 8.66 6.20 10.95
CA SER B 153 9.16 5.10 10.15
C SER B 153 8.16 3.95 10.24
N GLY B 154 8.14 3.11 9.21
CA GLY B 154 7.26 1.94 9.17
C GLY B 154 7.41 1.04 10.36
N THR B 155 8.65 0.86 10.82
CA THR B 155 8.94 -0.04 11.96
C THR B 155 8.40 0.47 13.30
N GLU B 156 8.73 1.72 13.64
CA GLU B 156 8.31 2.30 14.91
C GLU B 156 6.79 2.47 15.05
N ILE B 157 6.10 2.72 13.93
CA ILE B 157 4.64 2.88 13.98
C ILE B 157 3.94 1.53 14.26
N LEU B 158 4.52 0.43 13.75
CA LEU B 158 3.99 -0.89 14.02
C LEU B 158 4.28 -1.29 15.46
N ASP B 159 5.48 -0.94 15.94
CA ASP B 159 5.86 -1.22 17.33
C ASP B 159 4.86 -0.56 18.23
N GLU B 160 4.50 0.67 17.89
CA GLU B 160 3.61 1.45 18.72
C GLU B 160 2.15 1.07 18.54
N LEU B 161 1.71 0.79 17.31
CA LEU B 161 0.28 0.67 17.04
C LEU B 161 -0.22 -0.65 16.42
N GLY B 162 0.71 -1.54 16.08
CA GLY B 162 0.36 -2.79 15.39
C GLY B 162 -0.64 -3.66 16.13
N GLN B 163 -0.41 -3.85 17.43
CA GLN B 163 -1.32 -4.60 18.28
C GLN B 163 -2.72 -4.01 18.33
N GLU B 164 -2.80 -2.70 18.58
CA GLU B 164 -4.10 -2.03 18.57
C GLU B 164 -4.80 -2.18 17.22
N GLN B 165 -4.03 -2.10 16.14
CA GLN B 165 -4.59 -2.28 14.79
C GLN B 165 -5.18 -3.69 14.64
N MET B 166 -4.44 -4.70 15.11
CA MET B 166 -4.91 -6.10 15.07
C MET B 166 -6.18 -6.35 15.87
N GLU B 167 -6.30 -5.67 17.01
CA GLU B 167 -7.37 -5.95 17.95
C GLU B 167 -8.63 -5.16 17.63
N THR B 168 -8.48 -4.02 16.94
CA THR B 168 -9.62 -3.14 16.71
C THR B 168 -10.09 -3.05 15.25
N GLY B 169 -9.22 -3.45 14.32
CA GLY B 169 -9.54 -3.29 12.90
C GLY B 169 -9.41 -1.85 12.42
N SER B 170 -8.81 -0.99 13.25
CA SER B 170 -8.51 0.40 12.88
C SER B 170 -7.43 0.44 11.83
N LEU B 171 -7.29 1.58 11.15
CA LEU B 171 -6.25 1.77 10.14
C LEU B 171 -5.17 2.67 10.71
N ILE B 172 -3.92 2.23 10.59
CA ILE B 172 -2.78 3.04 10.96
C ILE B 172 -2.43 3.90 9.76
N VAL B 173 -2.53 5.21 9.94
CA VAL B 173 -2.23 6.16 8.89
C VAL B 173 -1.05 7.02 9.36
N TYR B 174 -0.02 7.08 8.53
CA TYR B 174 1.18 7.82 8.86
C TYR B 174 1.81 8.37 7.59
N THR B 175 2.82 9.22 7.78
CA THR B 175 3.46 9.89 6.68
C THR B 175 4.97 9.85 6.88
N SER B 176 5.71 10.38 5.91
CA SER B 176 7.15 10.60 6.10
C SER B 176 7.44 12.10 6.05
N ALA B 177 8.66 12.46 5.71
CA ALA B 177 8.99 13.85 5.48
C ALA B 177 8.53 14.25 4.06
N ASP B 178 8.12 13.27 3.26
CA ASP B 178 7.65 13.52 1.90
C ASP B 178 6.12 13.58 1.80
N SER B 179 5.62 13.96 0.62
CA SER B 179 4.18 14.04 0.36
C SER B 179 3.56 12.66 0.16
N VAL B 180 3.34 11.93 1.25
CA VAL B 180 2.78 10.58 1.19
C VAL B 180 1.78 10.37 2.30
N LEU B 181 0.84 9.47 2.04
CA LEU B 181 -0.08 8.95 3.03
C LEU B 181 0.07 7.43 3.02
N GLN B 182 0.49 6.86 4.14
CA GLN B 182 0.76 5.44 4.19
C GLN B 182 -0.28 4.78 5.06
N ILE B 183 -0.84 3.66 4.61
CA ILE B 183 -1.85 2.96 5.38
C ILE B 183 -1.39 1.56 5.70
N ALA B 184 -1.29 1.27 7.00
CA ALA B 184 -0.83 -0.01 7.49
C ALA B 184 -1.99 -0.78 8.14
N ALA B 185 -2.06 -2.06 7.81
CA ALA B 185 -3.06 -2.96 8.35
C ALA B 185 -2.53 -4.37 8.33
N HIS B 186 -2.88 -5.13 9.36
CA HIS B 186 -2.44 -6.52 9.46
C HIS B 186 -3.26 -7.38 8.49
N GLU B 187 -2.59 -8.18 7.66
CA GLU B 187 -3.25 -9.00 6.62
C GLU B 187 -4.21 -10.07 7.15
N GLU B 188 -4.04 -10.50 8.40
CA GLU B 188 -5.00 -11.44 8.98
C GLU B 188 -6.26 -10.71 9.42
N VAL B 189 -6.19 -9.37 9.48
CA VAL B 189 -7.33 -8.55 9.89
C VAL B 189 -7.97 -7.85 8.68
N VAL B 190 -7.13 -7.30 7.81
CA VAL B 190 -7.57 -6.59 6.62
C VAL B 190 -6.79 -7.25 5.47
N PRO B 191 -7.45 -8.11 4.69
CA PRO B 191 -6.74 -8.82 3.61
C PRO B 191 -6.15 -7.82 2.62
N LEU B 192 -5.12 -8.23 1.90
CA LEU B 192 -4.43 -7.31 1.01
C LEU B 192 -5.41 -6.63 0.04
N ASP B 193 -6.33 -7.39 -0.57
CA ASP B 193 -7.28 -6.81 -1.52
C ASP B 193 -8.17 -5.73 -0.92
N GLU B 194 -8.53 -5.87 0.36
CA GLU B 194 -9.29 -4.83 1.06
C GLU B 194 -8.44 -3.59 1.38
N LEU B 195 -7.16 -3.78 1.66
CA LEU B 195 -6.25 -2.66 1.90
C LEU B 195 -6.08 -1.85 0.62
N TYR B 196 -6.00 -2.52 -0.53
CA TYR B 196 -5.98 -1.85 -1.82
C TYR B 196 -7.25 -1.01 -1.99
N LYS B 197 -8.40 -1.57 -1.63
CA LYS B 197 -9.68 -0.82 -1.75
C LYS B 197 -9.62 0.46 -0.91
N ILE B 198 -9.11 0.31 0.31
CA ILE B 198 -9.01 1.43 1.23
C ILE B 198 -8.04 2.50 0.71
N CYS B 199 -6.91 2.07 0.17
CA CYS B 199 -5.94 3.01 -0.39
C CYS B 199 -6.49 3.77 -1.59
N LYS B 200 -7.28 3.08 -2.40
CA LYS B 200 -7.92 3.70 -3.55
C LYS B 200 -8.91 4.77 -3.11
N ILE B 201 -9.65 4.49 -2.05
CA ILE B 201 -10.55 5.45 -1.43
C ILE B 201 -9.76 6.66 -0.91
N ALA B 202 -8.66 6.38 -0.19
CA ALA B 202 -7.76 7.43 0.27
C ALA B 202 -7.27 8.29 -0.89
N ARG B 203 -6.89 7.64 -1.98
CA ARG B 203 -6.41 8.34 -3.18
C ARG B 203 -7.47 9.28 -3.76
N GLU B 204 -8.72 8.85 -3.81
CA GLU B 204 -9.82 9.73 -4.25
C GLU B 204 -10.01 10.91 -3.28
N LEU B 205 -10.01 10.63 -1.99
CA LEU B 205 -10.19 11.70 -0.99
C LEU B 205 -9.06 12.76 -0.98
N THR B 206 -7.84 12.34 -1.32
CA THR B 206 -6.70 13.23 -1.28
C THR B 206 -6.42 13.94 -2.63
N LEU B 207 -7.33 13.78 -3.60
CA LEU B 207 -7.38 14.67 -4.76
C LEU B 207 -8.16 15.93 -4.36
N ASP B 208 -7.54 16.70 -3.49
CA ASP B 208 -8.19 17.81 -2.82
C ASP B 208 -7.04 18.67 -2.35
N GLU B 209 -7.00 19.92 -2.83
CA GLU B 209 -5.86 20.77 -2.56
C GLU B 209 -5.55 20.99 -1.07
N LYS B 210 -6.56 20.96 -0.21
CA LYS B 210 -6.33 21.01 1.27
C LYS B 210 -5.44 19.86 1.78
N TYR B 211 -5.55 18.69 1.14
CA TYR B 211 -4.80 17.52 1.60
C TYR B 211 -4.13 16.77 0.46
N MET B 212 -3.54 17.47 -0.50
CA MET B 212 -3.10 16.78 -1.72
C MET B 212 -1.76 16.08 -1.53
N VAL B 213 -1.78 14.75 -1.58
CA VAL B 213 -0.54 13.99 -1.42
C VAL B 213 -0.10 13.39 -2.74
N GLY B 214 1.21 13.29 -2.90
CA GLY B 214 1.73 12.72 -4.12
C GLY B 214 1.36 11.27 -4.24
N ARG B 215 1.45 10.56 -3.11
CA ARG B 215 1.34 9.13 -3.15
C ARG B 215 0.60 8.57 -1.94
N VAL B 216 -0.34 7.68 -2.20
CA VAL B 216 -0.97 6.87 -1.18
C VAL B 216 -0.30 5.50 -1.30
N ILE B 217 0.27 5.02 -0.21
CA ILE B 217 1.05 3.78 -0.23
C ILE B 217 0.43 2.72 0.71
N ALA B 218 0.13 1.55 0.17
CA ALA B 218 -0.31 0.45 1.02
C ALA B 218 0.88 -0.10 1.84
N ARG B 219 0.67 -0.31 3.14
CA ARG B 219 1.70 -0.90 4.02
C ARG B 219 1.19 -2.11 4.78
N PRO B 220 0.93 -3.24 4.09
CA PRO B 220 0.48 -4.42 4.82
C PRO B 220 1.57 -5.00 5.72
N PHE B 221 1.16 -5.62 6.82
CA PHE B 221 2.09 -6.31 7.69
C PHE B 221 1.48 -7.60 8.27
N VAL B 222 2.34 -8.44 8.82
CA VAL B 222 1.91 -9.69 9.45
C VAL B 222 2.70 -9.89 10.75
N GLY B 223 2.40 -10.98 11.47
CA GLY B 223 3.15 -11.29 12.67
C GLY B 223 2.40 -10.99 13.94
N GLU B 224 3.13 -10.99 15.05
CA GLU B 224 2.53 -10.89 16.37
C GLU B 224 3.15 -9.68 17.08
N PRO B 225 2.47 -9.16 18.12
CA PRO B 225 3.10 -8.13 18.98
C PRO B 225 4.55 -8.51 19.38
N GLY B 226 5.51 -7.62 19.16
CA GLY B 226 6.91 -7.95 19.42
C GLY B 226 7.61 -8.48 18.18
N ASN B 227 6.84 -8.95 17.21
CA ASN B 227 7.42 -9.49 15.98
C ASN B 227 6.55 -9.21 14.74
N PHE B 228 6.37 -7.93 14.42
CA PHE B 228 5.64 -7.54 13.22
C PHE B 228 6.58 -7.43 12.04
N THR B 229 6.16 -7.96 10.90
CA THR B 229 6.94 -7.92 9.66
C THR B 229 6.17 -7.12 8.62
N ARG B 230 6.80 -6.06 8.12
CA ARG B 230 6.29 -5.34 6.96
C ARG B 230 6.53 -6.24 5.74
N THR B 231 5.45 -6.54 5.01
CA THR B 231 5.56 -7.42 3.85
C THR B 231 6.16 -6.67 2.65
N PRO B 232 6.92 -7.39 1.78
CA PRO B 232 7.49 -6.76 0.58
C PRO B 232 6.43 -6.50 -0.50
N ASN B 233 5.62 -5.47 -0.25
CA ASN B 233 4.52 -5.10 -1.13
C ASN B 233 4.84 -3.79 -1.83
N ARG B 234 4.65 -3.75 -3.15
CA ARG B 234 4.81 -2.51 -3.89
C ARG B 234 3.51 -2.17 -4.58
N HIS B 235 2.64 -1.48 -3.88
CA HIS B 235 1.36 -1.08 -4.46
C HIS B 235 0.98 0.29 -3.94
N ASP B 236 0.88 1.26 -4.83
CA ASP B 236 0.61 2.64 -4.43
C ASP B 236 -0.16 3.41 -5.51
N TYR B 237 -0.60 4.61 -5.14
CA TYR B 237 -1.54 5.36 -5.96
C TYR B 237 -1.03 6.79 -6.10
N ALA B 238 -0.56 7.09 -7.31
CA ALA B 238 0.00 8.38 -7.66
C ALA B 238 -0.99 9.13 -8.53
N LEU B 239 -0.76 10.43 -8.73
CA LEU B 239 -1.57 11.19 -9.66
C LEU B 239 -0.79 11.25 -10.95
N LYS B 240 -1.53 11.33 -12.04
CA LYS B 240 -0.95 11.63 -13.30
C LYS B 240 -0.55 13.11 -13.31
N PRO B 241 0.54 13.45 -14.02
CA PRO B 241 0.92 14.84 -14.24
C PRO B 241 -0.29 15.66 -14.73
N PHE B 242 -0.42 16.91 -14.29
CA PHE B 242 -1.58 17.74 -14.65
C PHE B 242 -1.44 18.32 -16.05
N GLY B 243 -1.49 17.45 -17.06
CA GLY B 243 -1.26 17.86 -18.42
C GLY B 243 -0.40 16.84 -19.13
N ARG B 244 -0.48 16.84 -20.47
CA ARG B 244 0.37 15.99 -21.26
C ARG B 244 1.77 16.58 -21.37
N THR B 245 2.77 15.80 -20.99
CA THR B 245 4.15 16.29 -20.92
C THR B 245 4.91 16.10 -22.24
N VAL B 246 6.13 16.62 -22.29
CA VAL B 246 7.07 16.33 -23.37
C VAL B 246 7.30 14.80 -23.50
N MET B 247 7.21 14.08 -22.39
CA MET B 247 7.38 12.63 -22.46
C MET B 247 6.23 12.00 -23.24
N ASN B 248 4.99 12.40 -22.91
CA ASN B 248 3.81 11.97 -23.68
C ASN B 248 4.04 12.21 -25.16
N GLU B 249 4.54 13.39 -25.48
CA GLU B 249 4.72 13.81 -26.85
C GLU B 249 5.80 12.99 -27.57
N LEU B 250 6.89 12.68 -26.85
CA LEU B 250 7.96 11.87 -27.41
C LEU B 250 7.47 10.46 -27.72
N LYS B 251 6.76 9.89 -26.75
CA LYS B 251 6.19 8.55 -26.88
C LYS B 251 5.21 8.47 -28.05
N ASP B 252 4.30 9.45 -28.13
CA ASP B 252 3.28 9.50 -29.17
C ASP B 252 3.90 9.63 -30.56
N SER B 253 5.10 10.20 -30.61
CA SER B 253 5.84 10.43 -31.84
C SER B 253 6.86 9.31 -32.11
N ASP B 254 6.71 8.18 -31.42
CA ASP B 254 7.49 6.98 -31.75
C ASP B 254 8.97 7.10 -31.34
N TYR B 255 9.25 7.91 -30.34
CA TYR B 255 10.58 7.96 -29.75
C TYR B 255 10.68 7.05 -28.52
N ASP B 256 11.91 6.64 -28.22
CA ASP B 256 12.21 5.92 -26.99
C ASP B 256 12.18 6.89 -25.81
N VAL B 257 11.55 6.49 -24.71
CA VAL B 257 11.57 7.27 -23.48
C VAL B 257 11.89 6.30 -22.34
N ILE B 258 13.18 6.19 -22.01
CA ILE B 258 13.62 5.28 -21.00
C ILE B 258 13.65 5.96 -19.64
N ALA B 259 12.86 5.45 -18.71
CA ALA B 259 12.82 5.98 -17.35
C ALA B 259 13.65 5.11 -16.38
N ILE B 260 14.51 5.75 -15.60
CA ILE B 260 15.37 5.04 -14.64
C ILE B 260 15.11 5.54 -13.20
N GLY B 261 14.95 4.61 -12.27
CA GLY B 261 14.72 4.94 -10.86
C GLY B 261 13.26 5.30 -10.62
N LYS B 262 13.05 6.40 -9.91
CA LYS B 262 11.70 6.83 -9.51
C LYS B 262 10.95 7.58 -10.61
N ILE B 263 11.58 7.74 -11.77
CA ILE B 263 11.03 8.58 -12.83
C ILE B 263 9.64 8.14 -13.27
N SER B 264 9.49 6.84 -13.56
CA SER B 264 8.20 6.31 -14.01
C SER B 264 7.11 6.51 -12.97
N ASP B 265 7.42 6.19 -11.70
CA ASP B 265 6.50 6.47 -10.61
C ASP B 265 6.15 7.96 -10.52
N ILE B 266 7.16 8.82 -10.65
CA ILE B 266 6.98 10.27 -10.56
C ILE B 266 5.99 10.78 -11.61
N TYR B 267 6.12 10.29 -12.84
CA TYR B 267 5.18 10.65 -13.91
C TYR B 267 3.98 9.69 -14.05
N ASP B 268 3.82 8.77 -13.09
CA ASP B 268 2.83 7.71 -13.15
C ASP B 268 2.83 6.93 -14.50
N GLY B 269 4.01 6.68 -15.06
CA GLY B 269 4.13 5.95 -16.31
C GLY B 269 3.86 6.72 -17.59
N GLU B 270 3.46 7.99 -17.46
CA GLU B 270 3.02 8.78 -18.59
C GLU B 270 4.14 9.10 -19.58
N GLY B 271 4.01 8.56 -20.80
CA GLY B 271 5.01 8.78 -21.83
C GLY B 271 6.24 7.89 -21.69
N VAL B 272 6.23 6.94 -20.76
CA VAL B 272 7.37 6.03 -20.60
C VAL B 272 7.27 4.82 -21.56
N THR B 273 8.34 4.53 -22.28
CA THR B 273 8.37 3.32 -23.13
C THR B 273 9.14 2.15 -22.50
N GLU B 274 10.02 2.43 -21.55
CA GLU B 274 10.68 1.39 -20.78
C GLU B 274 11.09 1.93 -19.41
N SER B 275 10.82 1.18 -18.35
CA SER B 275 11.20 1.61 -17.02
C SER B 275 12.24 0.70 -16.37
N LEU B 276 13.29 1.30 -15.83
CA LEU B 276 14.33 0.52 -15.14
C LEU B 276 14.39 0.91 -13.66
N ARG B 277 13.85 0.06 -12.78
CA ARG B 277 13.94 0.34 -11.34
C ARG B 277 15.37 0.21 -10.81
N THR B 278 15.69 1.00 -9.80
CA THR B 278 17.02 1.04 -9.20
C THR B 278 16.92 0.93 -7.69
N LYS B 279 17.96 0.39 -7.06
CA LYS B 279 17.96 0.19 -5.62
C LYS B 279 18.80 1.24 -4.88
N SER B 280 19.59 2.01 -5.62
CA SER B 280 20.52 2.97 -5.03
C SER B 280 21.05 3.92 -6.11
N ASN B 281 21.75 4.98 -5.68
CA ASN B 281 22.42 5.90 -6.59
C ASN B 281 23.41 5.20 -7.51
N MET B 282 24.26 4.32 -6.96
CA MET B 282 25.23 3.58 -7.75
C MET B 282 24.55 2.68 -8.78
N ASP B 283 23.48 2.01 -8.35
CA ASP B 283 22.67 1.18 -9.26
C ASP B 283 22.02 2.08 -10.34
N GLY B 284 21.58 3.27 -9.94
CA GLY B 284 21.12 4.29 -10.91
C GLY B 284 22.17 4.63 -11.96
N MET B 285 23.41 4.80 -11.54
CA MET B 285 24.48 5.05 -12.48
C MET B 285 24.73 3.82 -13.38
N ASP B 286 24.63 2.62 -12.80
CA ASP B 286 24.75 1.39 -13.59
C ASP B 286 23.70 1.32 -14.72
N LYS B 287 22.45 1.65 -14.39
CA LYS B 287 21.36 1.65 -15.37
C LYS B 287 21.53 2.73 -16.43
N LEU B 288 22.05 3.89 -16.00
CA LEU B 288 22.39 4.95 -16.93
C LEU B 288 23.41 4.42 -17.93
N VAL B 289 24.46 3.79 -17.40
CA VAL B 289 25.43 3.13 -18.26
C VAL B 289 24.75 2.10 -19.18
N ASP B 290 23.83 1.31 -18.64
CA ASP B 290 23.02 0.40 -19.47
C ASP B 290 22.33 1.11 -20.66
N THR B 291 21.73 2.27 -20.43
CA THR B 291 21.03 2.96 -21.52
C THR B 291 22.01 3.52 -22.54
N LEU B 292 23.20 3.92 -22.07
CA LEU B 292 24.27 4.36 -22.96
C LEU B 292 24.69 3.24 -23.94
N ASN B 293 24.71 1.99 -23.46
CA ASN B 293 24.94 0.81 -24.31
C ASN B 293 23.81 0.46 -25.25
N MET B 294 22.61 0.95 -24.97
CA MET B 294 21.44 0.71 -25.82
C MET B 294 21.45 1.61 -27.04
N ASP B 295 20.99 1.05 -28.17
CA ASP B 295 20.78 1.86 -29.34
C ASP B 295 19.32 2.32 -29.31
N PHE B 296 19.14 3.62 -29.08
CA PHE B 296 17.81 4.21 -29.06
C PHE B 296 17.88 5.64 -29.60
N THR B 297 16.72 6.20 -29.94
CA THR B 297 16.62 7.62 -30.19
C THR B 297 15.46 8.21 -29.38
N GLY B 298 15.76 9.26 -28.63
CA GLY B 298 14.81 9.77 -27.67
C GLY B 298 15.49 10.11 -26.37
N LEU B 299 14.81 9.84 -25.28
CA LEU B 299 15.22 10.34 -23.97
C LEU B 299 15.51 9.22 -23.00
N SER B 300 16.68 9.29 -22.36
CA SER B 300 16.94 8.49 -21.18
C SER B 300 16.93 9.41 -19.93
N PHE B 301 16.12 9.07 -18.95
CA PHE B 301 15.83 9.98 -17.87
C PHE B 301 16.07 9.30 -16.53
N LEU B 302 17.11 9.71 -15.83
CA LEU B 302 17.43 9.12 -14.52
C LEU B 302 17.11 10.11 -13.36
N ASN B 303 16.59 9.56 -12.27
CA ASN B 303 16.52 10.30 -11.02
C ASN B 303 17.41 9.61 -9.98
N LEU B 304 18.31 10.37 -9.39
CA LEU B 304 19.12 9.87 -8.28
C LEU B 304 18.47 10.37 -7.00
N VAL B 305 17.77 9.46 -6.34
CA VAL B 305 16.95 9.79 -5.20
C VAL B 305 17.63 9.78 -3.82
N ASP B 306 18.76 9.07 -3.68
CA ASP B 306 19.40 8.94 -2.36
C ASP B 306 19.63 10.27 -1.64
N PHE B 307 20.11 11.26 -2.39
CA PHE B 307 20.45 12.57 -1.85
C PHE B 307 19.31 13.14 -1.03
N ASP B 308 18.10 12.95 -1.55
CA ASP B 308 16.92 13.45 -0.91
C ASP B 308 16.44 12.50 0.19
N ALA B 309 16.25 11.23 -0.18
CA ALA B 309 15.60 10.28 0.70
C ALA B 309 16.47 9.89 1.89
N LEU B 310 17.79 9.89 1.73
CA LEU B 310 18.68 9.36 2.77
C LEU B 310 19.36 10.45 3.57
N PHE B 311 19.66 11.57 2.93
CA PHE B 311 20.51 12.58 3.54
C PHE B 311 19.86 13.94 3.75
N GLY B 312 19.15 14.44 2.74
CA GLY B 312 18.45 15.73 2.81
C GLY B 312 17.45 15.78 3.95
N HIS B 313 16.45 14.92 3.89
CA HIS B 313 15.39 14.86 4.91
C HIS B 313 15.90 14.47 6.32
N ARG B 314 16.89 13.59 6.37
CA ARG B 314 17.54 13.20 7.63
C ARG B 314 18.48 14.26 8.18
N ARG B 315 18.74 15.30 7.38
CA ARG B 315 19.58 16.41 7.78
C ARG B 315 20.96 15.86 8.16
N ASP B 316 21.58 15.17 7.21
CA ASP B 316 22.89 14.52 7.36
C ASP B 316 23.85 15.06 6.27
N PRO B 317 24.46 16.24 6.51
CA PRO B 317 25.36 16.83 5.52
C PRO B 317 26.59 15.96 5.19
N GLN B 318 27.20 15.34 6.19
CA GLN B 318 28.32 14.43 5.94
C GLN B 318 27.94 13.31 4.94
N GLY B 319 26.86 12.58 5.25
CA GLY B 319 26.35 11.52 4.37
C GLY B 319 26.02 12.02 2.97
N TYR B 320 25.47 13.24 2.89
CA TYR B 320 25.09 13.88 1.65
C TYR B 320 26.34 14.19 0.85
N GLY B 321 27.36 14.73 1.52
CA GLY B 321 28.66 15.02 0.90
C GLY B 321 29.28 13.78 0.29
N GLU B 322 29.26 12.68 1.05
CA GLU B 322 29.86 11.44 0.59
C GLU B 322 29.13 10.85 -0.60
N ALA B 323 27.80 10.99 -0.61
CA ALA B 323 27.00 10.49 -1.73
C ALA B 323 27.33 11.31 -2.98
N LEU B 324 27.48 12.62 -2.80
CA LEU B 324 27.88 13.50 -3.92
C LEU B 324 29.22 13.12 -4.54
N GLN B 325 30.20 12.89 -3.68
CA GLN B 325 31.52 12.42 -4.11
C GLN B 325 31.46 11.07 -4.82
N GLU B 326 30.71 10.12 -4.24
CA GLU B 326 30.50 8.82 -4.87
C GLU B 326 29.91 8.92 -6.27
N TYR B 327 28.92 9.80 -6.42
CA TYR B 327 28.29 10.02 -7.71
C TYR B 327 29.26 10.64 -8.72
N ASP B 328 30.03 11.63 -8.27
CA ASP B 328 30.96 12.33 -9.14
C ASP B 328 32.01 11.39 -9.72
N ALA B 329 32.40 10.38 -8.93
CA ALA B 329 33.43 9.42 -9.34
C ALA B 329 32.94 8.53 -10.50
N ARG B 330 31.62 8.46 -10.69
CA ARG B 330 31.03 7.62 -11.73
C ARG B 330 30.98 8.31 -13.09
N LEU B 331 31.16 9.63 -13.09
CA LEU B 331 30.92 10.42 -14.29
C LEU B 331 31.89 10.21 -15.47
N PRO B 332 33.20 9.96 -15.19
CA PRO B 332 34.12 9.76 -16.30
C PRO B 332 33.73 8.64 -17.26
N GLU B 333 33.12 7.57 -16.74
CA GLU B 333 32.63 6.50 -17.57
C GLU B 333 31.46 6.97 -18.45
N VAL B 334 30.60 7.82 -17.89
CA VAL B 334 29.54 8.47 -18.68
C VAL B 334 30.12 9.32 -19.83
N PHE B 335 31.08 10.18 -19.52
CA PHE B 335 31.78 10.98 -20.55
C PHE B 335 32.37 10.09 -21.64
N ALA B 336 32.99 8.98 -21.24
CA ALA B 336 33.59 8.03 -22.17
C ALA B 336 32.56 7.40 -23.13
N LYS B 337 31.34 7.18 -22.65
CA LYS B 337 30.32 6.52 -23.47
C LYS B 337 29.48 7.46 -24.34
N LEU B 338 29.45 8.75 -24.02
CA LEU B 338 28.71 9.72 -24.83
C LEU B 338 29.29 9.83 -26.24
N LYS B 339 28.41 9.82 -27.22
CA LYS B 339 28.82 10.02 -28.62
C LYS B 339 28.63 11.48 -29.02
N GLU B 340 29.06 11.81 -30.25
CA GLU B 340 29.01 13.20 -30.75
C GLU B 340 27.57 13.71 -30.87
N ASP B 341 26.63 12.81 -31.13
CA ASP B 341 25.22 13.17 -31.22
C ASP B 341 24.40 12.80 -29.94
N ASP B 342 25.07 12.76 -28.80
CA ASP B 342 24.43 12.55 -27.48
C ASP B 342 24.49 13.85 -26.71
N LEU B 343 23.45 14.17 -25.96
CA LEU B 343 23.49 15.33 -25.05
C LEU B 343 23.23 14.88 -23.62
N LEU B 344 24.09 15.28 -22.71
CA LEU B 344 23.89 15.01 -21.28
C LEU B 344 23.42 16.27 -20.55
N LEU B 345 22.30 16.17 -19.85
CA LEU B 345 21.81 17.26 -19.05
C LEU B 345 21.75 16.79 -17.62
N ILE B 346 22.27 17.61 -16.71
CA ILE B 346 22.30 17.29 -15.29
C ILE B 346 21.65 18.46 -14.58
N THR B 347 20.67 18.14 -13.73
CA THR B 347 19.99 19.17 -12.98
C THR B 347 19.49 18.63 -11.64
N ALA B 348 18.62 19.38 -10.98
CA ALA B 348 17.91 18.94 -9.79
C ALA B 348 16.46 19.46 -9.87
N ASP B 349 15.65 19.09 -8.90
CA ASP B 349 14.19 19.36 -8.94
C ASP B 349 13.70 20.29 -7.83
N HIS B 350 14.61 20.59 -6.90
CA HIS B 350 14.44 21.46 -5.73
C HIS B 350 15.71 21.33 -4.89
N GLY B 351 15.71 21.97 -3.72
CA GLY B 351 16.77 21.85 -2.73
C GLY B 351 16.28 21.04 -1.55
N ASN B 352 17.21 20.62 -0.71
CA ASN B 352 16.89 19.96 0.56
C ASN B 352 18.13 20.09 1.44
N ASP B 353 18.34 21.32 1.91
CA ASP B 353 19.56 21.73 2.59
C ASP B 353 19.69 20.98 3.91
N PRO B 354 20.67 20.06 4.01
CA PRO B 354 20.75 19.18 5.16
C PRO B 354 21.14 19.87 6.50
N ILE B 355 21.29 21.18 6.52
CA ILE B 355 21.45 21.89 7.80
C ILE B 355 20.26 22.80 8.15
N HIS B 356 19.28 22.88 7.27
CA HIS B 356 18.12 23.75 7.43
C HIS B 356 17.21 23.22 8.56
N PRO B 357 16.45 24.11 9.25
CA PRO B 357 15.51 23.60 10.25
C PRO B 357 14.41 22.68 9.65
N GLY B 358 13.77 21.89 10.51
CA GLY B 358 12.69 20.99 10.10
C GLY B 358 13.17 19.87 9.20
N THR B 359 12.23 19.32 8.41
CA THR B 359 12.50 18.15 7.56
C THR B 359 12.12 18.33 6.08
N ASP B 360 11.58 19.50 5.73
CA ASP B 360 10.98 19.74 4.41
C ASP B 360 12.06 20.14 3.39
N HIS B 361 11.71 20.14 2.11
CA HIS B 361 12.61 20.61 1.07
C HIS B 361 12.85 22.11 1.23
N THR B 362 13.78 22.63 0.44
CA THR B 362 14.08 24.05 0.44
C THR B 362 13.95 24.63 -0.95
N ARG B 363 13.41 25.85 -1.01
CA ARG B 363 13.11 26.54 -2.25
C ARG B 363 14.39 27.19 -2.78
N GLU B 364 14.99 26.54 -3.77
CA GLU B 364 16.30 26.93 -4.25
C GLU B 364 16.33 26.95 -5.76
N TYR B 365 17.27 27.72 -6.30
CA TYR B 365 17.77 27.50 -7.66
C TYR B 365 18.34 26.09 -7.78
N VAL B 366 18.35 25.57 -9.00
CA VAL B 366 18.97 24.28 -9.27
C VAL B 366 20.00 24.49 -10.35
N PRO B 367 21.10 23.73 -10.31
CA PRO B 367 22.11 23.85 -11.34
C PRO B 367 21.63 23.25 -12.64
N LEU B 368 22.18 23.70 -13.74
CA LEU B 368 21.98 23.06 -15.02
C LEU B 368 23.32 22.94 -15.73
N LEU B 369 23.70 21.73 -16.06
CA LEU B 369 24.86 21.51 -16.89
C LEU B 369 24.43 20.78 -18.18
N ALA B 370 24.92 21.26 -19.32
CA ALA B 370 24.62 20.67 -20.61
C ALA B 370 25.89 20.38 -21.40
N TYR B 371 26.15 19.09 -21.61
CA TYR B 371 27.37 18.67 -22.24
C TYR B 371 27.18 17.64 -23.36
N SER B 372 27.80 17.89 -24.49
CA SER B 372 27.99 16.87 -25.52
C SER B 372 29.47 16.83 -25.94
N PRO B 373 30.02 15.64 -26.21
CA PRO B 373 31.41 15.61 -26.70
C PRO B 373 31.58 16.38 -28.02
N SER B 374 30.48 16.70 -28.70
CA SER B 374 30.54 17.47 -29.93
C SER B 374 30.81 18.97 -29.67
N MET B 375 30.83 19.38 -28.39
CA MET B 375 31.25 20.73 -28.03
C MET B 375 32.79 20.78 -27.99
N LYS B 376 33.40 20.94 -29.16
CA LYS B 376 34.85 20.91 -29.33
C LYS B 376 35.58 22.01 -28.56
N GLU B 377 34.94 23.18 -28.42
CA GLU B 377 35.57 24.32 -27.75
C GLU B 377 35.02 24.56 -26.34
N GLY B 378 34.37 23.55 -25.77
CA GLY B 378 33.75 23.69 -24.45
C GLY B 378 32.47 24.51 -24.52
N GLY B 379 31.94 24.89 -23.37
CA GLY B 379 30.72 25.68 -23.34
C GLY B 379 30.90 27.01 -22.64
N GLN B 380 29.80 27.70 -22.43
CA GLN B 380 29.84 28.99 -21.76
C GLN B 380 28.56 29.13 -20.96
N GLU B 381 28.44 30.23 -20.24
CA GLU B 381 27.25 30.50 -19.45
C GLU B 381 26.02 30.68 -20.34
N LEU B 382 24.91 30.06 -19.94
CA LEU B 382 23.61 30.29 -20.55
C LEU B 382 22.88 31.32 -19.71
N PRO B 383 21.96 32.09 -20.34
CA PRO B 383 21.04 32.90 -19.55
C PRO B 383 20.29 32.04 -18.53
N LEU B 384 20.13 32.57 -17.31
CA LEU B 384 19.31 31.99 -16.25
C LEU B 384 17.98 31.41 -16.79
N ARG B 385 17.65 30.17 -16.45
CA ARG B 385 16.38 29.57 -16.89
C ARG B 385 15.23 29.99 -15.97
N GLN B 386 14.22 30.65 -16.55
CA GLN B 386 13.09 31.21 -15.75
C GLN B 386 12.08 30.16 -15.28
N THR B 387 12.08 29.02 -15.94
CA THR B 387 11.29 27.87 -15.49
C THR B 387 12.08 26.61 -15.79
N PHE B 388 11.88 25.59 -14.96
CA PHE B 388 12.44 24.25 -15.20
C PHE B 388 11.99 23.72 -16.56
N ALA B 389 10.88 24.26 -17.07
CA ALA B 389 10.25 23.80 -18.32
C ALA B 389 11.12 24.03 -19.54
N ASP B 390 12.10 24.91 -19.39
CA ASP B 390 13.09 25.13 -20.42
C ASP B 390 13.75 23.82 -20.83
N ILE B 391 13.88 22.88 -19.91
CA ILE B 391 14.42 21.57 -20.27
C ILE B 391 13.50 20.81 -21.23
N GLY B 392 12.23 20.67 -20.85
CA GLY B 392 11.23 20.04 -21.71
C GLY B 392 11.15 20.68 -23.09
N ALA B 393 11.23 22.00 -23.12
CA ALA B 393 11.21 22.79 -24.34
C ALA B 393 12.39 22.48 -25.25
N THR B 394 13.58 22.40 -24.65
CA THR B 394 14.81 22.05 -25.34
C THR B 394 14.67 20.63 -25.91
N VAL B 395 14.24 19.72 -25.07
CA VAL B 395 14.01 18.35 -25.47
C VAL B 395 12.99 18.25 -26.62
N ALA B 396 11.86 18.96 -26.48
CA ALA B 396 10.83 18.98 -27.53
C ALA B 396 11.35 19.50 -28.87
N GLU B 397 12.11 20.61 -28.80
CA GLU B 397 12.63 21.22 -30.02
C GLU B 397 13.64 20.32 -30.71
N ASN B 398 14.52 19.69 -29.92
CA ASN B 398 15.50 18.76 -30.47
C ASN B 398 14.89 17.64 -31.29
N PHE B 399 13.81 17.05 -30.78
CA PHE B 399 13.21 15.91 -31.45
C PHE B 399 12.09 16.31 -32.43
N GLY B 400 11.85 17.60 -32.54
CA GLY B 400 10.87 18.12 -33.51
C GLY B 400 9.44 17.71 -33.19
N VAL B 401 9.11 17.66 -31.90
CA VAL B 401 7.76 17.34 -31.48
C VAL B 401 7.07 18.61 -30.97
N LYS B 402 5.76 18.54 -30.76
CA LYS B 402 4.97 19.68 -30.26
C LYS B 402 5.69 20.33 -29.06
N MET B 403 5.93 21.64 -29.15
CA MET B 403 6.53 22.37 -28.05
C MET B 403 5.58 22.44 -26.85
N PRO B 404 6.12 22.41 -25.62
CA PRO B 404 5.25 22.56 -24.45
C PRO B 404 4.68 23.97 -24.36
N GLU B 405 3.61 24.14 -23.58
CA GLU B 405 3.00 25.45 -23.38
C GLU B 405 3.96 26.40 -22.65
N TYR B 406 4.85 25.84 -21.84
CA TYR B 406 5.76 26.66 -21.03
C TYR B 406 7.20 26.24 -21.30
N GLY B 407 8.12 27.15 -21.04
CA GLY B 407 9.53 26.88 -21.25
C GLY B 407 10.08 27.49 -22.53
N THR B 408 11.34 27.90 -22.47
CA THR B 408 12.08 28.43 -23.60
C THR B 408 13.30 27.53 -23.85
N SER B 409 13.32 26.91 -25.02
CA SER B 409 14.42 26.05 -25.45
C SER B 409 15.75 26.78 -25.45
N PHE B 410 16.80 26.11 -24.95
CA PHE B 410 18.14 26.67 -25.09
C PHE B 410 18.95 25.89 -26.12
N LEU B 411 18.27 25.08 -26.94
CA LEU B 411 18.96 24.18 -27.89
C LEU B 411 19.93 24.90 -28.84
N ASN B 412 19.46 26.03 -29.38
CA ASN B 412 20.27 26.86 -30.26
C ASN B 412 21.45 27.49 -29.54
N GLU B 413 21.34 27.69 -28.24
CA GLU B 413 22.48 28.20 -27.45
C GLU B 413 23.59 27.17 -27.26
N LEU B 414 23.33 25.91 -27.56
CA LEU B 414 24.33 24.86 -27.35
C LEU B 414 25.25 24.77 -28.55
N LYS C 25 -10.60 -17.16 -3.23
CA LYS C 25 -10.06 -18.52 -2.97
C LYS C 25 -8.54 -18.48 -2.93
N TYR C 26 -7.91 -18.13 -4.05
CA TYR C 26 -6.46 -17.96 -4.04
C TYR C 26 -6.07 -16.49 -4.05
N LYS C 27 -5.13 -16.12 -3.18
CA LYS C 27 -4.62 -14.76 -3.11
C LYS C 27 -3.78 -14.50 -4.36
N ARG C 28 -2.95 -15.48 -4.72
CA ARG C 28 -2.04 -15.36 -5.84
C ARG C 28 -2.23 -16.54 -6.80
N ILE C 29 -2.12 -16.28 -8.09
CA ILE C 29 -2.04 -17.33 -9.10
C ILE C 29 -0.78 -17.10 -9.90
N PHE C 30 0.06 -18.12 -9.97
CA PHE C 30 1.27 -18.09 -10.77
C PHE C 30 1.03 -18.92 -12.01
N LEU C 31 0.96 -18.25 -13.16
CA LEU C 31 0.70 -18.89 -14.44
C LEU C 31 1.98 -18.97 -15.25
N VAL C 32 2.40 -20.20 -15.57
CA VAL C 32 3.66 -20.41 -16.28
C VAL C 32 3.33 -20.99 -17.66
N VAL C 33 3.75 -20.29 -18.72
CA VAL C 33 3.65 -20.81 -20.09
C VAL C 33 5.02 -21.28 -20.53
N MET C 34 5.16 -22.59 -20.65
CA MET C 34 6.34 -23.18 -21.27
C MET C 34 6.06 -23.07 -22.77
N ASP C 35 6.63 -22.07 -23.41
CA ASP C 35 6.27 -21.74 -24.80
C ASP C 35 6.62 -22.91 -25.75
N SER C 36 5.61 -23.38 -26.47
CA SER C 36 5.68 -24.46 -27.50
C SER C 36 5.78 -25.88 -26.96
N VAL C 37 5.65 -26.04 -25.65
CA VAL C 37 5.77 -27.36 -25.03
C VAL C 37 4.48 -28.16 -25.19
N GLY C 38 4.25 -28.63 -26.42
CA GLY C 38 2.98 -29.27 -26.80
C GLY C 38 2.94 -30.74 -26.44
N ILE C 39 1.74 -31.30 -26.41
CA ILE C 39 1.58 -32.69 -25.91
C ILE C 39 0.83 -33.61 -26.90
N GLY C 40 1.16 -33.50 -28.18
CA GLY C 40 0.57 -34.34 -29.23
C GLY C 40 -0.51 -33.67 -30.07
N GLU C 41 -0.57 -34.07 -31.34
CA GLU C 41 -1.42 -33.43 -32.35
C GLU C 41 -2.85 -33.23 -31.90
N ALA C 42 -3.42 -32.08 -32.27
CA ALA C 42 -4.80 -31.77 -31.93
C ALA C 42 -5.74 -32.50 -32.91
N PRO C 43 -7.06 -32.49 -32.63
CA PRO C 43 -8.01 -33.12 -33.55
C PRO C 43 -8.02 -32.49 -34.93
N ASP C 44 -7.64 -31.21 -35.02
CA ASP C 44 -7.60 -30.50 -36.31
C ASP C 44 -6.20 -30.31 -36.89
N ALA C 45 -5.26 -31.15 -36.46
CA ALA C 45 -3.86 -31.04 -36.90
C ALA C 45 -3.66 -31.22 -38.41
N GLU C 46 -4.50 -32.05 -39.01
CA GLU C 46 -4.44 -32.32 -40.44
C GLU C 46 -4.60 -31.03 -41.24
N GLN C 47 -5.52 -30.17 -40.80
CA GLN C 47 -5.74 -28.87 -41.45
C GLN C 47 -4.53 -27.95 -41.41
N PHE C 48 -3.64 -28.19 -40.46
CA PHE C 48 -2.47 -27.34 -40.24
C PHE C 48 -1.18 -27.97 -40.75
N GLY C 49 -1.28 -29.14 -41.38
CA GLY C 49 -0.10 -29.84 -41.89
C GLY C 49 0.70 -30.49 -40.79
N ASP C 50 0.04 -30.86 -39.68
CA ASP C 50 0.75 -31.23 -38.46
C ASP C 50 0.47 -32.66 -37.94
N LEU C 51 -0.02 -33.55 -38.81
CA LEU C 51 -0.18 -34.96 -38.39
C LEU C 51 1.12 -35.50 -37.86
N GLY C 52 1.03 -36.34 -36.84
CA GLY C 52 2.21 -36.96 -36.25
C GLY C 52 2.95 -36.10 -35.26
N SER C 53 2.51 -34.84 -35.07
CA SER C 53 3.27 -33.94 -34.18
C SER C 53 3.05 -34.28 -32.72
N ASP C 54 4.12 -34.15 -31.95
CA ASP C 54 4.18 -34.57 -30.57
C ASP C 54 5.44 -34.01 -29.96
N THR C 55 5.36 -32.78 -29.43
CA THR C 55 6.57 -32.08 -28.99
C THR C 55 7.29 -32.81 -27.85
N ILE C 56 6.61 -33.02 -26.71
CA ILE C 56 7.28 -33.60 -25.56
C ILE C 56 7.60 -35.07 -25.83
N GLY C 57 6.64 -35.77 -26.43
CA GLY C 57 6.78 -37.20 -26.70
C GLY C 57 7.98 -37.52 -27.56
N HIS C 58 8.23 -36.68 -28.57
CA HIS C 58 9.37 -36.88 -29.46
C HIS C 58 10.68 -36.49 -28.82
N ILE C 59 10.65 -35.46 -27.96
CA ILE C 59 11.86 -35.08 -27.23
C ILE C 59 12.22 -36.22 -26.27
N ALA C 60 11.19 -36.81 -25.66
CA ALA C 60 11.34 -37.92 -24.74
C ALA C 60 11.92 -39.15 -25.46
N GLU C 61 11.36 -39.50 -26.62
CA GLU C 61 11.94 -40.56 -27.48
C GLU C 61 13.39 -40.23 -27.76
N HIS C 62 13.66 -39.01 -28.24
CA HIS C 62 15.03 -38.61 -28.53
C HIS C 62 15.97 -38.79 -27.33
N MET C 63 15.55 -38.34 -26.14
CA MET C 63 16.44 -38.38 -24.97
C MET C 63 16.55 -39.81 -24.43
N ASN C 64 15.73 -40.70 -25.00
CA ASN C 64 15.57 -42.08 -24.54
C ASN C 64 15.25 -42.15 -23.04
N GLY C 65 14.36 -41.25 -22.62
CA GLY C 65 14.04 -41.08 -21.21
C GLY C 65 14.19 -39.62 -20.87
N LEU C 66 13.08 -38.89 -20.91
CA LEU C 66 13.09 -37.53 -20.44
C LEU C 66 13.01 -37.60 -18.93
N GLN C 67 13.96 -37.00 -18.24
CA GLN C 67 13.91 -36.98 -16.78
C GLN C 67 13.34 -35.66 -16.24
N MET C 68 12.04 -35.68 -15.95
CA MET C 68 11.36 -34.54 -15.35
C MET C 68 10.56 -34.97 -14.12
N PRO C 69 11.28 -35.38 -13.04
CA PRO C 69 10.59 -35.97 -11.89
C PRO C 69 9.54 -35.04 -11.27
N ASN C 70 9.85 -33.75 -11.25
CA ASN C 70 8.95 -32.78 -10.63
C ASN C 70 7.67 -32.54 -11.40
N MET C 71 7.77 -32.51 -12.72
CA MET C 71 6.59 -32.45 -13.57
C MET C 71 5.82 -33.75 -13.47
N VAL C 72 6.57 -34.86 -13.37
CA VAL C 72 5.95 -36.18 -13.18
C VAL C 72 5.21 -36.21 -11.83
N LYS C 73 5.88 -35.77 -10.75
CA LYS C 73 5.19 -35.59 -9.44
C LYS C 73 3.89 -34.78 -9.53
N LEU C 74 3.83 -33.86 -10.48
CA LEU C 74 2.65 -33.00 -10.59
C LEU C 74 1.54 -33.71 -11.34
N GLY C 75 1.95 -34.71 -12.16
CA GLY C 75 0.97 -35.50 -12.89
C GLY C 75 1.07 -35.36 -14.40
N LEU C 76 2.29 -35.08 -14.87
CA LEU C 76 2.53 -34.95 -16.32
C LEU C 76 2.32 -36.28 -17.06
N GLY C 77 2.82 -37.38 -16.49
CA GLY C 77 2.61 -38.72 -17.08
C GLY C 77 1.15 -39.15 -17.03
N ASN C 78 0.42 -38.58 -16.08
CA ASN C 78 -1.01 -38.84 -15.94
C ASN C 78 -1.83 -38.23 -17.07
N ILE C 79 -1.34 -37.13 -17.62
CA ILE C 79 -1.97 -36.54 -18.81
C ILE C 79 -1.77 -37.51 -19.98
N ARG C 80 -0.52 -37.85 -20.25
CA ARG C 80 -0.18 -38.85 -21.25
C ARG C 80 1.19 -39.39 -20.89
N GLU C 81 1.33 -40.73 -20.89
CA GLU C 81 2.61 -41.37 -20.61
C GLU C 81 3.53 -41.33 -21.82
N MET C 82 4.81 -41.09 -21.57
CA MET C 82 5.80 -40.96 -22.62
C MET C 82 7.09 -41.48 -22.02
N LYS C 83 8.11 -41.66 -22.85
CA LYS C 83 9.34 -42.29 -22.36
C LYS C 83 9.99 -41.46 -21.26
N GLY C 84 10.16 -42.06 -20.09
CA GLY C 84 10.79 -41.39 -18.94
C GLY C 84 9.75 -40.70 -18.08
N ILE C 85 8.54 -40.56 -18.61
CA ILE C 85 7.48 -39.83 -17.98
C ILE C 85 6.30 -40.79 -17.82
N SER C 86 6.19 -41.38 -16.62
CA SER C 86 5.13 -42.33 -16.33
C SER C 86 4.11 -41.72 -15.37
N LYS C 87 2.91 -42.29 -15.32
CA LYS C 87 1.88 -41.78 -14.43
C LYS C 87 2.25 -42.05 -12.96
N VAL C 88 1.52 -41.42 -12.03
CA VAL C 88 1.71 -41.64 -10.60
C VAL C 88 0.34 -41.88 -9.94
N GLU C 89 0.34 -42.56 -8.80
CA GLU C 89 -0.93 -42.85 -8.09
C GLU C 89 -1.49 -41.58 -7.44
N LYS C 90 -0.61 -40.80 -6.80
CA LYS C 90 -1.02 -39.58 -6.10
C LYS C 90 -0.36 -38.32 -6.72
N PRO C 91 -1.05 -37.70 -7.71
CA PRO C 91 -0.50 -36.47 -8.32
C PRO C 91 -0.63 -35.29 -7.36
N LEU C 92 0.43 -34.49 -7.23
CA LEU C 92 0.42 -33.31 -6.33
C LEU C 92 -0.72 -32.34 -6.64
N GLY C 93 -1.04 -32.18 -7.91
CA GLY C 93 -2.12 -31.28 -8.31
C GLY C 93 -2.99 -31.89 -9.37
N TYR C 94 -3.95 -31.11 -9.87
CA TYR C 94 -4.85 -31.58 -10.92
C TYR C 94 -4.14 -31.50 -12.27
N TYR C 95 -4.67 -32.22 -13.25
CA TYR C 95 -3.99 -32.38 -14.54
C TYR C 95 -5.01 -32.57 -15.65
N THR C 96 -4.63 -32.16 -16.86
CA THR C 96 -5.44 -32.40 -18.07
C THR C 96 -4.68 -31.85 -19.28
N LYS C 97 -5.34 -31.74 -20.41
CA LYS C 97 -4.75 -31.01 -21.52
C LYS C 97 -5.77 -30.05 -22.08
N MET C 98 -5.31 -29.11 -22.90
CA MET C 98 -6.19 -28.12 -23.49
C MET C 98 -6.12 -28.18 -25.01
N GLN C 99 -7.26 -27.87 -25.65
CA GLN C 99 -7.38 -27.84 -27.10
C GLN C 99 -7.60 -26.40 -27.52
N GLU C 100 -6.87 -25.98 -28.55
CA GLU C 100 -6.91 -24.61 -29.04
C GLU C 100 -8.13 -24.43 -29.93
N LYS C 101 -8.93 -23.41 -29.63
CA LYS C 101 -10.13 -23.10 -30.37
C LYS C 101 -9.86 -22.14 -31.53
N SER C 102 -8.89 -21.23 -31.36
CA SER C 102 -8.57 -20.22 -32.37
C SER C 102 -7.95 -20.83 -33.63
N THR C 103 -8.12 -20.13 -34.75
CA THR C 103 -7.74 -20.67 -36.06
C THR C 103 -6.24 -20.58 -36.38
N GLY C 104 -5.43 -20.08 -35.44
CA GLY C 104 -3.98 -20.00 -35.63
C GLY C 104 -3.22 -20.80 -34.60
N LYS C 105 -1.92 -21.00 -34.82
CA LYS C 105 -1.07 -21.77 -33.92
C LYS C 105 0.17 -21.00 -33.50
N ASP C 106 0.06 -19.67 -33.50
CA ASP C 106 1.17 -18.80 -33.10
C ASP C 106 1.12 -18.38 -31.59
N TPO C 107 2.19 -17.76 -31.11
CA TPO C 107 2.34 -17.39 -29.69
CB TPO C 107 3.75 -16.83 -29.44
CG2 TPO C 107 3.95 -16.28 -28.02
OG1 TPO C 107 4.76 -17.81 -29.71
P TPO C 107 6.26 -17.43 -30.15
O1P TPO C 107 6.28 -15.94 -30.40
O2P TPO C 107 6.48 -18.24 -31.41
O3P TPO C 107 7.11 -17.88 -28.99
C TPO C 107 1.28 -16.41 -29.26
O TPO C 107 0.66 -16.55 -28.22
N MET C 108 1.05 -15.39 -30.08
CA MET C 108 0.06 -14.35 -29.76
C MET C 108 -1.35 -14.93 -29.69
N THR C 109 -1.70 -15.74 -30.69
CA THR C 109 -2.99 -16.39 -30.73
C THR C 109 -3.20 -17.23 -29.47
N GLY C 110 -2.21 -18.08 -29.16
CA GLY C 110 -2.26 -18.92 -27.96
C GLY C 110 -2.44 -18.12 -26.67
N HIS C 111 -1.68 -17.02 -26.53
CA HIS C 111 -1.70 -16.23 -25.28
C HIS C 111 -2.96 -15.39 -25.15
N TRP C 112 -3.46 -14.89 -26.27
CA TRP C 112 -4.69 -14.12 -26.24
C TRP C 112 -5.86 -15.02 -25.91
N GLU C 113 -5.84 -16.25 -26.42
CA GLU C 113 -6.89 -17.21 -26.12
C GLU C 113 -6.82 -17.54 -24.63
N ILE C 114 -5.63 -17.84 -24.13
CA ILE C 114 -5.41 -18.12 -22.70
C ILE C 114 -6.14 -17.09 -21.82
N MET C 115 -6.10 -15.84 -22.24
CA MET C 115 -6.65 -14.76 -21.43
C MET C 115 -8.05 -14.37 -21.87
N GLY C 116 -8.74 -15.30 -22.53
CA GLY C 116 -10.19 -15.18 -22.74
C GLY C 116 -10.70 -14.80 -24.11
N LEU C 117 -9.82 -14.65 -25.09
CA LEU C 117 -10.24 -14.24 -26.43
C LEU C 117 -10.43 -15.42 -27.40
N TYR C 118 -11.16 -15.18 -28.48
CA TYR C 118 -11.24 -16.13 -29.60
C TYR C 118 -10.79 -15.43 -30.87
N ILE C 119 -9.80 -16.01 -31.55
CA ILE C 119 -9.15 -15.37 -32.68
C ILE C 119 -9.47 -16.14 -33.96
N ASP C 120 -10.28 -15.55 -34.83
CA ASP C 120 -10.67 -16.24 -36.06
C ASP C 120 -9.95 -15.72 -37.32
N THR C 121 -9.20 -14.62 -37.17
CA THR C 121 -8.34 -14.10 -38.25
C THR C 121 -6.88 -14.24 -37.79
N PRO C 122 -6.21 -15.33 -38.20
CA PRO C 122 -4.91 -15.64 -37.64
C PRO C 122 -3.78 -14.79 -38.24
N PHE C 123 -2.65 -14.77 -37.55
CA PHE C 123 -1.49 -14.11 -38.03
C PHE C 123 -0.79 -15.02 -39.02
N GLN C 124 -0.27 -14.43 -40.09
CA GLN C 124 0.39 -15.23 -41.11
C GLN C 124 1.90 -15.20 -41.00
N VAL C 125 2.51 -16.32 -41.38
CA VAL C 125 3.94 -16.39 -41.59
C VAL C 125 4.15 -16.41 -43.09
N PHE C 126 5.37 -16.14 -43.52
CA PHE C 126 5.62 -15.98 -44.94
C PHE C 126 6.88 -16.71 -45.37
N PRO C 127 6.74 -18.01 -45.67
CA PRO C 127 7.88 -18.85 -46.00
C PRO C 127 8.43 -18.55 -47.41
N GLU C 128 7.60 -18.04 -48.29
CA GLU C 128 8.08 -17.69 -49.63
C GLU C 128 8.11 -16.16 -49.77
N GLY C 129 8.45 -15.47 -48.67
CA GLY C 129 8.47 -14.01 -48.64
C GLY C 129 7.09 -13.39 -48.54
N PHE C 130 7.06 -12.05 -48.47
CA PHE C 130 5.81 -11.28 -48.38
C PHE C 130 5.28 -10.99 -49.77
N PRO C 131 3.95 -10.79 -49.89
CA PRO C 131 3.33 -10.60 -51.20
C PRO C 131 3.85 -9.36 -51.90
N LYS C 132 3.82 -9.42 -53.24
CA LYS C 132 4.28 -8.32 -54.09
C LYS C 132 3.53 -7.04 -53.78
N GLU C 133 2.21 -7.14 -53.62
CA GLU C 133 1.36 -5.97 -53.40
C GLU C 133 1.70 -5.21 -52.11
N LEU C 134 2.18 -5.92 -51.08
CA LEU C 134 2.51 -5.26 -49.81
C LEU C 134 3.83 -4.51 -49.93
N LEU C 135 4.81 -5.14 -50.56
CA LEU C 135 6.11 -4.54 -50.77
C LEU C 135 6.03 -3.33 -51.72
N ASP C 136 5.15 -3.42 -52.73
CA ASP C 136 4.82 -2.27 -53.58
C ASP C 136 4.25 -1.11 -52.79
N GLU C 137 3.31 -1.40 -51.89
CA GLU C 137 2.72 -0.38 -51.02
C GLU C 137 3.79 0.24 -50.11
N LEU C 138 4.66 -0.60 -49.55
CA LEU C 138 5.74 -0.09 -48.68
C LEU C 138 6.77 0.69 -49.51
N GLU C 139 7.12 0.19 -50.70
CA GLU C 139 7.97 0.96 -51.63
C GLU C 139 7.42 2.36 -51.88
N GLU C 140 6.12 2.47 -52.18
CA GLU C 140 5.50 3.74 -52.52
C GLU C 140 5.31 4.68 -51.35
N LYS C 141 5.32 4.16 -50.12
CA LYS C 141 5.13 5.04 -48.97
C LYS C 141 6.47 5.52 -48.41
N THR C 142 7.52 4.74 -48.62
CA THR C 142 8.85 5.09 -48.07
C THR C 142 9.78 5.73 -49.09
N GLY C 143 9.52 5.50 -50.38
CA GLY C 143 10.43 5.97 -51.43
C GLY C 143 11.67 5.13 -51.58
N ARG C 144 11.69 3.96 -50.95
CA ARG C 144 12.85 3.10 -51.03
C ARG C 144 12.42 1.75 -51.55
N LYS C 145 13.29 1.11 -52.32
CA LYS C 145 13.01 -0.23 -52.81
C LYS C 145 13.24 -1.24 -51.68
N ILE C 146 12.73 -2.46 -51.88
CA ILE C 146 12.85 -3.52 -50.89
C ILE C 146 13.68 -4.65 -51.44
N ILE C 147 14.66 -5.10 -50.68
CA ILE C 147 15.46 -6.28 -51.04
C ILE C 147 15.35 -7.38 -49.98
N GLY C 148 15.77 -8.59 -50.33
CA GLY C 148 15.68 -9.74 -49.41
C GLY C 148 14.39 -10.49 -49.65
N ASN C 149 13.35 -10.12 -48.91
CA ASN C 149 12.02 -10.75 -48.95
C ASN C 149 12.01 -12.27 -48.82
N LYS C 150 12.70 -12.77 -47.80
CA LYS C 150 12.76 -14.19 -47.53
C LYS C 150 12.97 -14.45 -46.03
N PRO C 151 12.57 -15.65 -45.54
CA PRO C 151 13.01 -16.04 -44.20
C PRO C 151 14.55 -16.04 -44.15
N ALA C 152 15.12 -15.61 -43.03
CA ALA C 152 16.56 -15.60 -42.87
C ALA C 152 16.88 -15.32 -41.42
N SER C 153 18.10 -15.68 -41.02
CA SER C 153 18.63 -15.20 -39.75
C SER C 153 19.12 -13.78 -40.01
N GLY C 154 19.17 -12.96 -38.94
CA GLY C 154 19.66 -11.58 -39.05
C GLY C 154 21.10 -11.53 -39.54
N THR C 155 21.92 -12.47 -39.05
CA THR C 155 23.35 -12.48 -39.37
C THR C 155 23.62 -12.73 -40.85
N GLU C 156 23.01 -13.77 -41.40
CA GLU C 156 23.22 -14.17 -42.80
C GLU C 156 22.68 -13.14 -43.78
N ILE C 157 21.53 -12.56 -43.47
CA ILE C 157 20.91 -11.59 -44.39
C ILE C 157 21.76 -10.31 -44.50
N LEU C 158 22.48 -9.94 -43.43
CA LEU C 158 23.40 -8.80 -43.51
C LEU C 158 24.65 -9.12 -44.32
N ASP C 159 25.21 -10.31 -44.07
CA ASP C 159 26.33 -10.80 -44.88
C ASP C 159 25.95 -10.72 -46.35
N GLU C 160 24.80 -11.29 -46.69
CA GLU C 160 24.31 -11.25 -48.07
C GLU C 160 24.00 -9.85 -48.64
N LEU C 161 23.25 -9.03 -47.89
CA LEU C 161 22.63 -7.83 -48.49
C LEU C 161 23.02 -6.46 -47.87
N GLY C 162 23.87 -6.48 -46.85
CA GLY C 162 24.26 -5.27 -46.13
C GLY C 162 24.94 -4.24 -47.02
N GLN C 163 25.85 -4.70 -47.87
CA GLN C 163 26.57 -3.82 -48.79
C GLN C 163 25.64 -3.17 -49.80
N GLU C 164 24.76 -3.97 -50.43
CA GLU C 164 23.77 -3.43 -51.35
C GLU C 164 22.82 -2.46 -50.66
N GLN C 165 22.52 -2.71 -49.38
CA GLN C 165 21.66 -1.82 -48.61
C GLN C 165 22.36 -0.47 -48.45
N MET C 166 23.62 -0.49 -48.06
CA MET C 166 24.41 0.73 -47.93
C MET C 166 24.52 1.55 -49.21
N GLU C 167 24.70 0.86 -50.33
CA GLU C 167 24.96 1.51 -51.62
C GLU C 167 23.69 2.12 -52.22
N THR C 168 22.55 1.50 -51.93
CA THR C 168 21.30 1.87 -52.59
C THR C 168 20.32 2.63 -51.69
N GLY C 169 20.45 2.45 -50.38
CA GLY C 169 19.43 2.96 -49.46
C GLY C 169 18.16 2.11 -49.45
N SER C 170 18.20 0.96 -50.15
CA SER C 170 17.10 -0.03 -50.17
C SER C 170 16.90 -0.60 -48.76
N LEU C 171 15.68 -1.08 -48.47
CA LEU C 171 15.38 -1.74 -47.20
C LEU C 171 15.50 -3.25 -47.30
N ILE C 172 16.17 -3.83 -46.32
CA ILE C 172 16.20 -5.28 -46.17
C ILE C 172 14.98 -5.72 -45.37
N VAL C 173 14.07 -6.40 -46.06
CA VAL C 173 12.87 -6.92 -45.43
C VAL C 173 13.04 -8.43 -45.37
N TYR C 174 12.99 -8.95 -44.16
CA TYR C 174 13.04 -10.37 -43.98
C TYR C 174 12.08 -10.81 -42.90
N THR C 175 11.90 -12.12 -42.81
CA THR C 175 11.03 -12.69 -41.81
C THR C 175 11.77 -13.83 -41.13
N SER C 176 11.14 -14.42 -40.14
CA SER C 176 11.71 -15.58 -39.43
C SER C 176 10.80 -16.78 -39.68
N ALA C 177 10.72 -17.67 -38.70
CA ALA C 177 9.68 -18.69 -38.71
C ALA C 177 8.43 -18.20 -37.96
N ASP C 178 8.59 -17.16 -37.13
CA ASP C 178 7.44 -16.56 -36.42
C ASP C 178 6.68 -15.54 -37.29
N SER C 179 5.65 -14.92 -36.72
CA SER C 179 4.85 -13.94 -37.47
C SER C 179 5.37 -12.52 -37.26
N VAL C 180 6.57 -12.27 -37.78
CA VAL C 180 7.21 -10.95 -37.68
C VAL C 180 7.66 -10.44 -39.04
N LEU C 181 7.61 -9.13 -39.21
CA LEU C 181 8.29 -8.49 -40.34
C LEU C 181 9.43 -7.67 -39.79
N GLN C 182 10.64 -7.99 -40.24
CA GLN C 182 11.84 -7.29 -39.83
C GLN C 182 12.39 -6.42 -40.95
N ILE C 183 12.72 -5.17 -40.60
CA ILE C 183 13.29 -4.22 -41.55
C ILE C 183 14.68 -3.82 -41.07
N ALA C 184 15.68 -4.17 -41.86
CA ALA C 184 17.08 -3.82 -41.54
C ALA C 184 17.58 -2.71 -42.44
N ALA C 185 18.27 -1.73 -41.84
CA ALA C 185 18.98 -0.69 -42.58
C ALA C 185 20.18 -0.26 -41.76
N HIS C 186 21.25 0.09 -42.47
CA HIS C 186 22.46 0.62 -41.84
C HIS C 186 22.22 2.02 -41.27
N GLU C 187 22.53 2.19 -39.99
CA GLU C 187 22.33 3.47 -39.30
C GLU C 187 23.12 4.66 -39.83
N GLU C 188 24.24 4.41 -40.48
CA GLU C 188 25.02 5.50 -41.05
C GLU C 188 24.45 5.92 -42.40
N VAL C 189 23.40 5.24 -42.84
CA VAL C 189 22.76 5.44 -44.13
C VAL C 189 21.28 5.81 -43.93
N VAL C 190 20.62 5.14 -42.99
CA VAL C 190 19.23 5.39 -42.65
C VAL C 190 19.21 5.65 -41.15
N PRO C 191 19.12 6.92 -40.76
CA PRO C 191 19.09 7.25 -39.35
C PRO C 191 18.02 6.45 -38.60
N LEU C 192 18.30 6.17 -37.34
CA LEU C 192 17.39 5.36 -36.53
C LEU C 192 15.94 5.88 -36.55
N ASP C 193 15.75 7.20 -36.45
CA ASP C 193 14.36 7.71 -36.40
C ASP C 193 13.65 7.58 -37.73
N GLU C 194 14.40 7.64 -38.82
CA GLU C 194 13.86 7.32 -40.15
C GLU C 194 13.46 5.85 -40.27
N LEU C 195 14.28 4.96 -39.70
CA LEU C 195 13.95 3.54 -39.70
C LEU C 195 12.65 3.29 -38.93
N TYR C 196 12.49 3.98 -37.81
CA TYR C 196 11.27 3.91 -36.98
C TYR C 196 10.02 4.36 -37.79
N LYS C 197 10.12 5.49 -38.48
CA LYS C 197 9.01 5.95 -39.35
C LYS C 197 8.62 4.85 -40.36
N ILE C 198 9.64 4.26 -40.99
CA ILE C 198 9.46 3.18 -41.95
C ILE C 198 8.75 1.98 -41.33
N CYS C 199 9.19 1.55 -40.14
CA CYS C 199 8.50 0.47 -39.45
C CYS C 199 7.07 0.83 -39.07
N LYS C 200 6.83 2.08 -38.68
CA LYS C 200 5.48 2.53 -38.33
C LYS C 200 4.55 2.48 -39.56
N ILE C 201 5.06 2.89 -40.72
CA ILE C 201 4.34 2.73 -41.98
C ILE C 201 4.05 1.25 -42.25
N ALA C 202 5.07 0.40 -42.16
CA ALA C 202 4.89 -1.04 -42.39
C ALA C 202 3.84 -1.66 -41.45
N ARG C 203 3.82 -1.23 -40.19
CA ARG C 203 2.86 -1.72 -39.20
C ARG C 203 1.45 -1.30 -39.61
N GLU C 204 1.33 -0.07 -40.10
CA GLU C 204 0.07 0.44 -40.60
C GLU C 204 -0.42 -0.33 -41.84
N LEU C 205 0.50 -0.84 -42.67
CA LEU C 205 0.11 -1.56 -43.89
C LEU C 205 -0.25 -3.01 -43.63
N THR C 206 0.30 -3.56 -42.55
CA THR C 206 0.11 -4.96 -42.21
C THR C 206 -1.05 -5.11 -41.22
N LEU C 207 -1.89 -4.09 -41.14
CA LEU C 207 -3.13 -4.15 -40.41
C LEU C 207 -4.18 -4.86 -41.29
N ASP C 208 -3.86 -5.01 -42.56
CA ASP C 208 -4.76 -5.65 -43.53
C ASP C 208 -4.94 -7.14 -43.22
N GLU C 209 -6.20 -7.56 -43.17
CA GLU C 209 -6.56 -8.94 -42.87
C GLU C 209 -6.06 -9.90 -43.94
N LYS C 210 -5.37 -9.38 -44.95
CA LYS C 210 -4.83 -10.23 -46.02
C LYS C 210 -3.38 -10.61 -45.69
N TYR C 211 -2.62 -9.68 -45.13
CA TYR C 211 -1.26 -9.99 -44.73
C TYR C 211 -0.94 -9.42 -43.35
N MET C 212 -1.76 -9.80 -42.36
CA MET C 212 -1.60 -9.38 -40.96
C MET C 212 -0.45 -10.10 -40.25
N VAL C 213 0.53 -9.30 -39.81
CA VAL C 213 1.72 -9.81 -39.16
C VAL C 213 1.61 -9.46 -37.69
N GLY C 214 2.16 -10.31 -36.83
CA GLY C 214 2.02 -10.10 -35.39
C GLY C 214 2.80 -8.89 -34.91
N ARG C 215 3.99 -8.74 -35.49
CA ARG C 215 4.92 -7.73 -35.01
C ARG C 215 5.80 -7.22 -36.15
N VAL C 216 5.99 -5.91 -36.21
CA VAL C 216 7.02 -5.29 -37.04
C VAL C 216 8.19 -4.91 -36.12
N ILE C 217 9.40 -5.29 -36.52
CA ILE C 217 10.62 -5.04 -35.73
C ILE C 217 11.67 -4.27 -36.54
N ALA C 218 12.13 -3.14 -35.99
CA ALA C 218 13.26 -2.42 -36.51
C ALA C 218 14.53 -3.22 -36.27
N ARG C 219 15.35 -3.35 -37.33
CA ARG C 219 16.65 -4.04 -37.21
C ARG C 219 17.81 -3.20 -37.70
N PRO C 220 18.15 -2.13 -36.99
CA PRO C 220 19.28 -1.33 -37.44
C PRO C 220 20.60 -2.11 -37.29
N PHE C 221 21.53 -1.85 -38.20
CA PHE C 221 22.89 -2.43 -38.06
C PHE C 221 23.97 -1.37 -38.33
N VAL C 222 25.20 -1.70 -37.95
CA VAL C 222 26.36 -0.88 -38.23
C VAL C 222 27.47 -1.76 -38.79
N GLY C 223 28.62 -1.15 -39.08
CA GLY C 223 29.81 -1.85 -39.53
C GLY C 223 30.12 -1.76 -41.02
N GLU C 224 31.06 -2.60 -41.46
CA GLU C 224 31.51 -2.59 -42.85
C GLU C 224 31.22 -3.95 -43.45
N PRO C 225 31.33 -4.09 -44.79
CA PRO C 225 31.03 -5.41 -45.35
C PRO C 225 32.02 -6.45 -44.82
N GLY C 226 31.50 -7.64 -44.48
CA GLY C 226 32.30 -8.68 -43.85
C GLY C 226 32.34 -8.57 -42.33
N ASN C 227 31.71 -7.53 -41.78
CA ASN C 227 31.70 -7.26 -40.34
C ASN C 227 30.51 -6.38 -39.94
N PHE C 228 29.31 -6.79 -40.39
CA PHE C 228 28.06 -6.12 -40.03
C PHE C 228 27.50 -6.71 -38.77
N THR C 229 27.14 -5.85 -37.82
CA THR C 229 26.46 -6.30 -36.60
C THR C 229 25.18 -5.50 -36.30
N ARG C 230 24.15 -6.21 -35.89
CA ARG C 230 22.91 -5.63 -35.43
C ARG C 230 23.21 -4.83 -34.14
N THR C 231 22.64 -3.64 -34.03
CA THR C 231 22.83 -2.83 -32.83
C THR C 231 21.92 -3.36 -31.74
N PRO C 232 22.23 -3.07 -30.45
CA PRO C 232 21.30 -3.44 -29.36
C PRO C 232 20.05 -2.51 -29.31
N ASN C 233 19.09 -2.79 -30.19
CA ASN C 233 17.90 -1.97 -30.31
C ASN C 233 16.67 -2.81 -30.01
N ARG C 234 15.76 -2.27 -29.23
CA ARG C 234 14.51 -2.94 -29.00
C ARG C 234 13.37 -1.96 -29.26
N HIS C 235 12.92 -1.89 -30.49
CA HIS C 235 11.81 -1.04 -30.84
C HIS C 235 10.94 -1.80 -31.82
N ASP C 236 9.70 -2.03 -31.41
CA ASP C 236 8.79 -2.83 -32.20
C ASP C 236 7.36 -2.32 -32.07
N TYR C 237 6.50 -2.84 -32.94
CA TYR C 237 5.16 -2.35 -33.10
C TYR C 237 4.29 -3.60 -33.08
N ALA C 238 3.70 -3.86 -31.93
CA ALA C 238 2.91 -5.07 -31.71
C ALA C 238 1.45 -4.70 -31.80
N LEU C 239 0.61 -5.63 -32.25
CA LEU C 239 -0.83 -5.42 -32.24
C LEU C 239 -1.34 -5.59 -30.82
N LYS C 240 -2.28 -4.72 -30.44
CA LYS C 240 -3.01 -4.92 -29.19
C LYS C 240 -3.95 -6.11 -29.34
N PRO C 241 -4.22 -6.85 -28.25
CA PRO C 241 -5.20 -7.95 -28.35
C PRO C 241 -6.54 -7.43 -28.89
N PHE C 242 -7.21 -8.24 -29.72
CA PHE C 242 -8.52 -7.85 -30.31
C PHE C 242 -9.66 -7.98 -29.32
N GLY C 243 -9.57 -7.27 -28.21
CA GLY C 243 -10.56 -7.30 -27.15
C GLY C 243 -9.88 -7.21 -25.80
N ARG C 244 -10.63 -6.74 -24.80
CA ARG C 244 -10.16 -6.67 -23.41
C ARG C 244 -9.94 -8.08 -22.91
N THR C 245 -8.82 -8.32 -22.24
CA THR C 245 -8.54 -9.63 -21.70
C THR C 245 -8.82 -9.66 -20.20
N VAL C 246 -8.65 -10.85 -19.63
CA VAL C 246 -8.74 -11.05 -18.19
C VAL C 246 -7.69 -10.19 -17.48
N MET C 247 -6.56 -9.97 -18.14
CA MET C 247 -5.53 -9.10 -17.57
C MET C 247 -6.04 -7.66 -17.44
N ASN C 248 -6.69 -7.14 -18.47
CA ASN C 248 -7.38 -5.82 -18.38
C ASN C 248 -8.32 -5.74 -17.18
N GLU C 249 -9.15 -6.77 -17.01
CA GLU C 249 -10.15 -6.80 -15.94
C GLU C 249 -9.47 -6.76 -14.57
N LEU C 250 -8.44 -7.60 -14.43
CA LEU C 250 -7.65 -7.65 -13.20
C LEU C 250 -7.08 -6.29 -12.84
N LYS C 251 -6.44 -5.65 -13.82
CA LYS C 251 -5.77 -4.38 -13.61
C LYS C 251 -6.77 -3.28 -13.24
N ASP C 252 -7.89 -3.24 -13.97
CA ASP C 252 -8.94 -2.27 -13.75
C ASP C 252 -9.59 -2.49 -12.38
N SER C 253 -9.49 -3.71 -11.85
CA SER C 253 -10.00 -3.99 -10.51
C SER C 253 -8.95 -3.83 -9.39
N ASP C 254 -7.81 -3.22 -9.71
CA ASP C 254 -6.78 -2.91 -8.71
C ASP C 254 -6.02 -4.15 -8.20
N TYR C 255 -5.98 -5.19 -9.01
CA TYR C 255 -5.09 -6.33 -8.71
C TYR C 255 -3.70 -6.14 -9.32
N ASP C 256 -2.72 -6.82 -8.76
CA ASP C 256 -1.37 -6.84 -9.32
C ASP C 256 -1.35 -7.82 -10.49
N VAL C 257 -0.75 -7.40 -11.59
CA VAL C 257 -0.58 -8.25 -12.76
C VAL C 257 0.88 -8.18 -13.16
N ILE C 258 1.64 -9.19 -12.74
CA ILE C 258 3.07 -9.15 -12.93
C ILE C 258 3.44 -9.97 -14.18
N ALA C 259 4.05 -9.32 -15.15
CA ALA C 259 4.39 -9.93 -16.43
C ALA C 259 5.88 -10.26 -16.42
N ILE C 260 6.21 -11.52 -16.67
CA ILE C 260 7.60 -11.97 -16.68
C ILE C 260 7.99 -12.47 -18.05
N GLY C 261 9.08 -11.93 -18.58
CA GLY C 261 9.57 -12.41 -19.89
C GLY C 261 8.88 -11.69 -21.03
N LYS C 262 8.44 -12.43 -22.05
CA LYS C 262 7.83 -11.81 -23.23
C LYS C 262 6.37 -11.47 -23.03
N ILE C 263 5.85 -11.76 -21.83
CA ILE C 263 4.41 -11.61 -21.56
C ILE C 263 3.86 -10.22 -21.90
N SER C 264 4.53 -9.19 -21.40
CA SER C 264 4.13 -7.83 -21.67
C SER C 264 4.15 -7.47 -23.17
N ASP C 265 5.21 -7.85 -23.89
CA ASP C 265 5.26 -7.70 -25.35
C ASP C 265 4.10 -8.43 -26.04
N ILE C 266 3.82 -9.66 -25.62
CA ILE C 266 2.78 -10.48 -26.22
C ILE C 266 1.42 -9.80 -26.14
N TYR C 267 1.11 -9.22 -24.98
CA TYR C 267 -0.16 -8.51 -24.81
C TYR C 267 -0.04 -6.99 -25.03
N ASP C 268 1.11 -6.56 -25.57
CA ASP C 268 1.40 -5.14 -25.79
C ASP C 268 1.11 -4.30 -24.54
N GLY C 269 1.46 -4.83 -23.37
CA GLY C 269 1.28 -4.13 -22.10
C GLY C 269 -0.13 -4.07 -21.54
N GLU C 270 -1.11 -4.64 -22.25
CA GLU C 270 -2.51 -4.57 -21.81
C GLU C 270 -2.76 -5.34 -20.51
N GLY C 271 -3.24 -4.62 -19.50
CA GLY C 271 -3.53 -5.19 -18.19
C GLY C 271 -2.33 -5.45 -17.27
N VAL C 272 -1.12 -5.08 -17.70
CA VAL C 272 0.09 -5.35 -16.94
C VAL C 272 0.39 -4.20 -15.98
N THR C 273 0.68 -4.54 -14.72
CA THR C 273 1.02 -3.52 -13.73
C THR C 273 2.51 -3.45 -13.45
N GLU C 274 3.21 -4.55 -13.71
CA GLU C 274 4.67 -4.59 -13.58
C GLU C 274 5.22 -5.61 -14.58
N SER C 275 6.24 -5.21 -15.33
CA SER C 275 6.87 -6.09 -16.31
C SER C 275 8.31 -6.38 -15.93
N LEU C 276 8.66 -7.64 -15.90
CA LEU C 276 10.04 -8.04 -15.64
C LEU C 276 10.61 -8.79 -16.84
N ARG C 277 11.50 -8.13 -17.55
CA ARG C 277 12.17 -8.72 -18.71
C ARG C 277 13.19 -9.76 -18.25
N THR C 278 13.38 -10.79 -19.05
CA THR C 278 14.30 -11.89 -18.73
C THR C 278 15.24 -12.17 -19.90
N LYS C 279 16.41 -12.73 -19.59
CA LYS C 279 17.40 -13.02 -20.62
C LYS C 279 17.46 -14.48 -21.06
N SER C 280 16.85 -15.37 -20.28
CA SER C 280 16.94 -16.80 -20.52
C SER C 280 15.88 -17.52 -19.68
N ASN C 281 15.69 -18.81 -19.93
CA ASN C 281 14.77 -19.59 -19.12
C ASN C 281 15.11 -19.63 -17.62
N MET C 282 16.40 -19.66 -17.28
CA MET C 282 16.74 -19.75 -15.85
C MET C 282 16.51 -18.41 -15.19
N ASP C 283 16.78 -17.34 -15.93
CA ASP C 283 16.49 -15.99 -15.50
C ASP C 283 14.98 -15.77 -15.31
N GLY C 284 14.19 -16.40 -16.19
CA GLY C 284 12.74 -16.46 -16.03
C GLY C 284 12.33 -17.12 -14.72
N MET C 285 12.96 -18.25 -14.40
CA MET C 285 12.66 -18.95 -13.16
C MET C 285 13.13 -18.16 -11.96
N ASP C 286 14.26 -17.45 -12.10
CA ASP C 286 14.76 -16.56 -11.06
C ASP C 286 13.70 -15.48 -10.77
N LYS C 287 13.18 -14.86 -11.82
CA LYS C 287 12.14 -13.85 -11.69
C LYS C 287 10.84 -14.41 -11.09
N LEU C 288 10.45 -15.62 -11.47
CA LEU C 288 9.28 -16.27 -10.86
C LEU C 288 9.48 -16.32 -9.34
N VAL C 289 10.64 -16.78 -8.90
CA VAL C 289 10.93 -16.88 -7.48
C VAL C 289 10.90 -15.50 -6.80
N ASP C 290 11.42 -14.48 -7.48
CA ASP C 290 11.34 -13.12 -6.97
C ASP C 290 9.88 -12.71 -6.70
N THR C 291 8.97 -13.04 -7.62
CA THR C 291 7.55 -12.72 -7.44
C THR C 291 6.92 -13.55 -6.31
N LEU C 292 7.38 -14.79 -6.17
CA LEU C 292 6.94 -15.63 -5.05
C LEU C 292 7.32 -14.99 -3.70
N ASN C 293 8.43 -14.26 -3.67
CA ASN C 293 8.90 -13.58 -2.48
C ASN C 293 8.31 -12.17 -2.35
N MET C 294 7.46 -11.79 -3.27
CA MET C 294 6.74 -10.51 -3.19
C MET C 294 5.41 -10.77 -2.55
N ASP C 295 4.93 -9.80 -1.77
CA ASP C 295 3.58 -9.84 -1.29
C ASP C 295 2.72 -9.12 -2.32
N PHE C 296 1.82 -9.85 -2.96
CA PHE C 296 0.93 -9.23 -3.93
C PHE C 296 -0.37 -10.00 -3.95
N THR C 297 -1.40 -9.44 -4.57
CA THR C 297 -2.59 -10.22 -4.86
C THR C 297 -3.01 -10.03 -6.31
N GLY C 298 -3.17 -11.13 -7.02
CA GLY C 298 -3.48 -11.09 -8.44
C GLY C 298 -2.66 -12.15 -9.16
N LEU C 299 -2.19 -11.80 -10.35
CA LEU C 299 -1.57 -12.76 -11.26
C LEU C 299 -0.09 -12.45 -11.47
N SER C 300 0.73 -13.47 -11.33
CA SER C 300 2.09 -13.46 -11.83
C SER C 300 2.13 -14.42 -13.01
N PHE C 301 2.59 -13.93 -14.17
CA PHE C 301 2.40 -14.60 -15.45
C PHE C 301 3.77 -14.70 -16.12
N LEU C 302 4.29 -15.93 -16.23
CA LEU C 302 5.62 -16.15 -16.82
C LEU C 302 5.55 -16.83 -18.19
N ASN C 303 6.33 -16.31 -19.13
CA ASN C 303 6.62 -17.02 -20.35
C ASN C 303 8.10 -17.48 -20.39
N LEU C 304 8.30 -18.78 -20.47
CA LEU C 304 9.64 -19.36 -20.74
C LEU C 304 9.85 -19.57 -22.25
N VAL C 305 10.55 -18.64 -22.88
CA VAL C 305 10.53 -18.55 -24.34
C VAL C 305 11.55 -19.46 -25.04
N ASP C 306 12.62 -19.84 -24.33
CA ASP C 306 13.74 -20.53 -24.94
C ASP C 306 13.32 -21.78 -25.71
N PHE C 307 12.40 -22.56 -25.12
CA PHE C 307 11.92 -23.77 -25.77
C PHE C 307 11.57 -23.49 -27.22
N ASP C 308 10.80 -22.43 -27.46
CA ASP C 308 10.38 -22.04 -28.82
C ASP C 308 11.49 -21.41 -29.65
N ALA C 309 12.12 -20.40 -29.08
CA ALA C 309 13.05 -19.55 -29.79
C ALA C 309 14.37 -20.22 -30.12
N LEU C 310 14.85 -21.09 -29.22
CA LEU C 310 16.19 -21.66 -29.38
C LEU C 310 16.20 -23.12 -29.82
N PHE C 311 15.12 -23.84 -29.57
CA PHE C 311 15.12 -25.29 -29.77
C PHE C 311 14.02 -25.80 -30.69
N GLY C 312 12.83 -25.24 -30.57
CA GLY C 312 11.73 -25.60 -31.45
C GLY C 312 12.04 -25.24 -32.89
N HIS C 313 12.15 -23.94 -33.17
CA HIS C 313 12.30 -23.49 -34.54
C HIS C 313 13.61 -23.97 -35.17
N ARG C 314 14.64 -24.09 -34.33
CA ARG C 314 15.94 -24.58 -34.76
C ARG C 314 15.93 -26.09 -34.91
N ARG C 315 14.80 -26.73 -34.59
CA ARG C 315 14.65 -28.18 -34.66
C ARG C 315 15.80 -28.89 -33.96
N ASP C 316 15.96 -28.63 -32.66
CA ASP C 316 17.09 -29.15 -31.87
C ASP C 316 16.52 -29.94 -30.70
N PRO C 317 16.20 -31.24 -30.91
CA PRO C 317 15.60 -32.06 -29.85
C PRO C 317 16.47 -32.26 -28.63
N GLN C 318 17.78 -32.39 -28.83
CA GLN C 318 18.74 -32.55 -27.75
C GLN C 318 18.75 -31.31 -26.82
N GLY C 319 19.03 -30.14 -27.40
CA GLY C 319 18.98 -28.86 -26.66
C GLY C 319 17.64 -28.61 -25.95
N TYR C 320 16.55 -28.92 -26.65
CA TYR C 320 15.20 -28.81 -26.11
C TYR C 320 15.03 -29.72 -24.90
N GLY C 321 15.46 -30.98 -25.05
CA GLY C 321 15.36 -31.96 -23.98
C GLY C 321 16.14 -31.53 -22.76
N GLU C 322 17.34 -31.02 -22.98
CA GLU C 322 18.16 -30.51 -21.88
C GLU C 322 17.51 -29.28 -21.22
N ALA C 323 17.00 -28.36 -22.03
CA ALA C 323 16.31 -27.20 -21.49
C ALA C 323 15.11 -27.60 -20.61
N LEU C 324 14.32 -28.58 -21.05
CA LEU C 324 13.20 -29.08 -20.25
C LEU C 324 13.62 -29.68 -18.89
N GLN C 325 14.76 -30.39 -18.90
CA GLN C 325 15.33 -30.99 -17.70
C GLN C 325 15.87 -29.94 -16.74
N GLU C 326 16.53 -28.93 -17.30
CA GLU C 326 17.07 -27.81 -16.54
C GLU C 326 15.93 -26.97 -15.90
N TYR C 327 14.81 -26.88 -16.61
CA TYR C 327 13.61 -26.23 -16.07
C TYR C 327 13.00 -27.02 -14.93
N ASP C 328 12.95 -28.35 -15.10
CA ASP C 328 12.35 -29.22 -14.09
C ASP C 328 13.12 -29.14 -12.77
N ALA C 329 14.43 -28.97 -12.86
CA ALA C 329 15.29 -28.97 -11.69
C ALA C 329 15.06 -27.72 -10.83
N ARG C 330 14.39 -26.73 -11.41
CA ARG C 330 14.20 -25.44 -10.74
C ARG C 330 12.88 -25.41 -10.01
N LEU C 331 12.04 -26.39 -10.29
CA LEU C 331 10.71 -26.47 -9.68
C LEU C 331 10.66 -26.77 -8.16
N PRO C 332 11.62 -27.56 -7.61
CA PRO C 332 11.51 -27.75 -6.17
C PRO C 332 11.54 -26.42 -5.40
N GLU C 333 12.37 -25.47 -5.83
CA GLU C 333 12.42 -24.13 -5.23
C GLU C 333 11.06 -23.41 -5.30
N VAL C 334 10.33 -23.64 -6.41
CA VAL C 334 8.99 -23.10 -6.57
C VAL C 334 8.00 -23.75 -5.59
N PHE C 335 8.05 -25.09 -5.49
CA PHE C 335 7.12 -25.84 -4.62
C PHE C 335 7.25 -25.41 -3.17
N ALA C 336 8.48 -25.14 -2.75
CA ALA C 336 8.80 -24.80 -1.39
C ALA C 336 8.23 -23.43 -0.98
N LYS C 337 8.18 -22.49 -1.93
CA LYS C 337 7.69 -21.13 -1.64
C LYS C 337 6.19 -20.98 -1.80
N LEU C 338 5.54 -21.95 -2.43
CA LEU C 338 4.09 -21.88 -2.62
C LEU C 338 3.37 -21.92 -1.28
N LYS C 339 2.45 -20.98 -1.08
CA LYS C 339 1.63 -20.94 0.15
C LYS C 339 0.26 -21.56 -0.08
N GLU C 340 -0.47 -21.78 1.02
CA GLU C 340 -1.75 -22.48 0.99
C GLU C 340 -2.78 -21.79 0.11
N ASP C 341 -2.72 -20.47 0.04
CA ASP C 341 -3.65 -19.71 -0.80
C ASP C 341 -3.04 -19.25 -2.14
N ASP C 342 -2.00 -19.98 -2.60
CA ASP C 342 -1.35 -19.81 -3.91
C ASP C 342 -1.74 -20.93 -4.88
N LEU C 343 -1.93 -20.61 -6.15
CA LEU C 343 -2.22 -21.60 -7.19
C LEU C 343 -1.22 -21.49 -8.32
N LEU C 344 -0.51 -22.58 -8.59
CA LEU C 344 0.41 -22.65 -9.72
C LEU C 344 -0.32 -23.32 -10.88
N LEU C 345 -0.35 -22.66 -12.04
CA LEU C 345 -0.83 -23.27 -13.28
C LEU C 345 0.31 -23.32 -14.27
N ILE C 346 0.53 -24.48 -14.87
CA ILE C 346 1.61 -24.65 -15.82
C ILE C 346 0.99 -25.14 -17.11
N THR C 347 1.25 -24.43 -18.21
CA THR C 347 0.67 -24.77 -19.51
C THR C 347 1.60 -24.46 -20.69
N ALA C 348 1.03 -24.38 -21.89
CA ALA C 348 1.77 -23.99 -23.08
C ALA C 348 0.77 -23.36 -24.04
N ASP C 349 1.30 -22.79 -25.13
CA ASP C 349 0.47 -21.97 -26.01
C ASP C 349 0.28 -22.56 -27.41
N HIS C 350 1.05 -23.62 -27.71
CA HIS C 350 0.97 -24.38 -28.97
C HIS C 350 2.10 -25.37 -28.89
N GLY C 351 2.34 -26.08 -30.00
CA GLY C 351 3.48 -26.98 -30.07
C GLY C 351 4.56 -26.45 -30.98
N ASN C 352 5.74 -27.02 -30.85
CA ASN C 352 6.83 -26.78 -31.80
C ASN C 352 7.79 -27.96 -31.81
N ASP C 353 7.33 -29.05 -32.38
CA ASP C 353 8.02 -30.35 -32.39
C ASP C 353 9.37 -30.22 -33.08
N PRO C 354 10.45 -30.39 -32.32
CA PRO C 354 11.77 -30.18 -32.90
C PRO C 354 12.23 -31.32 -33.83
N ILE C 355 11.35 -32.24 -34.18
CA ILE C 355 11.69 -33.22 -35.23
C ILE C 355 10.81 -33.09 -36.47
N HIS C 356 9.81 -32.22 -36.37
CA HIS C 356 8.87 -32.00 -37.45
C HIS C 356 9.57 -31.40 -38.67
N PRO C 357 9.06 -31.70 -39.89
CA PRO C 357 9.54 -31.03 -41.09
C PRO C 357 9.36 -29.49 -41.03
N GLY C 358 10.18 -28.78 -41.79
CA GLY C 358 10.13 -27.32 -41.86
C GLY C 358 10.57 -26.70 -40.55
N THR C 359 10.12 -25.48 -40.29
CA THR C 359 10.55 -24.77 -39.09
C THR C 359 9.38 -24.05 -38.39
N ASP C 360 8.15 -24.45 -38.70
CA ASP C 360 6.94 -23.81 -38.20
C ASP C 360 6.48 -24.48 -36.89
N HIS C 361 5.63 -23.78 -36.13
CA HIS C 361 4.90 -24.36 -34.99
C HIS C 361 4.08 -25.57 -35.45
N THR C 362 3.61 -26.35 -34.47
CA THR C 362 2.78 -27.54 -34.70
C THR C 362 1.52 -27.44 -33.86
N ARG C 363 0.39 -27.79 -34.47
CA ARG C 363 -0.92 -27.65 -33.85
C ARG C 363 -1.20 -28.85 -32.94
N GLU C 364 -0.97 -28.64 -31.63
CA GLU C 364 -1.01 -29.70 -30.65
C GLU C 364 -1.92 -29.33 -29.49
N TYR C 365 -2.36 -30.36 -28.76
CA TYR C 365 -2.88 -30.20 -27.42
C TYR C 365 -1.73 -29.63 -26.56
N VAL C 366 -2.10 -28.89 -25.53
CA VAL C 366 -1.11 -28.42 -24.56
C VAL C 366 -1.46 -28.99 -23.19
N PRO C 367 -0.45 -29.28 -22.37
CA PRO C 367 -0.74 -29.74 -21.02
C PRO C 367 -1.31 -28.65 -20.12
N LEU C 368 -1.97 -29.08 -19.04
CA LEU C 368 -2.36 -28.16 -17.97
C LEU C 368 -2.14 -28.87 -16.65
N LEU C 369 -1.36 -28.24 -15.78
CA LEU C 369 -1.18 -28.68 -14.39
C LEU C 369 -1.58 -27.54 -13.45
N ALA C 370 -2.22 -27.89 -12.33
CA ALA C 370 -2.79 -26.91 -11.43
C ALA C 370 -2.52 -27.38 -10.01
N TYR C 371 -1.60 -26.71 -9.36
CA TYR C 371 -1.16 -27.15 -8.04
C TYR C 371 -1.19 -26.03 -7.00
N SER C 372 -1.66 -26.40 -5.81
CA SER C 372 -1.62 -25.58 -4.61
C SER C 372 -1.33 -26.48 -3.41
N PRO C 373 -0.48 -26.01 -2.47
CA PRO C 373 -0.19 -26.79 -1.26
C PRO C 373 -1.44 -27.06 -0.42
N SER C 374 -2.54 -26.41 -0.75
CA SER C 374 -3.83 -26.65 -0.10
C SER C 374 -4.53 -27.94 -0.57
N MET C 375 -3.96 -28.61 -1.58
CA MET C 375 -4.50 -29.88 -2.09
C MET C 375 -3.89 -31.05 -1.33
N LYS C 376 -4.40 -31.26 -0.10
CA LYS C 376 -3.83 -32.23 0.83
C LYS C 376 -3.86 -33.66 0.28
N GLU C 377 -4.97 -34.04 -0.33
CA GLU C 377 -5.17 -35.39 -0.88
C GLU C 377 -4.71 -35.49 -2.35
N GLY C 378 -3.89 -34.53 -2.80
CA GLY C 378 -3.45 -34.48 -4.20
C GLY C 378 -4.59 -34.15 -5.16
N GLY C 379 -4.33 -34.28 -6.47
CA GLY C 379 -5.34 -33.89 -7.46
C GLY C 379 -5.79 -35.04 -8.35
N GLN C 380 -6.66 -34.72 -9.30
CA GLN C 380 -7.14 -35.72 -10.25
C GLN C 380 -7.39 -35.11 -11.64
N GLU C 381 -7.92 -35.91 -12.56
CA GLU C 381 -8.11 -35.50 -13.95
C GLU C 381 -9.27 -34.54 -14.08
N LEU C 382 -9.03 -33.46 -14.83
CA LEU C 382 -10.06 -32.52 -15.19
C LEU C 382 -10.63 -32.95 -16.53
N PRO C 383 -11.91 -32.63 -16.79
CA PRO C 383 -12.39 -32.79 -18.17
C PRO C 383 -11.48 -31.98 -19.10
N LEU C 384 -11.20 -32.53 -20.28
CA LEU C 384 -10.38 -31.86 -21.29
C LEU C 384 -10.89 -30.44 -21.51
N ARG C 385 -9.98 -29.48 -21.52
CA ARG C 385 -10.38 -28.07 -21.73
C ARG C 385 -10.59 -27.81 -23.21
N GLN C 386 -11.77 -27.34 -23.58
CA GLN C 386 -12.13 -27.15 -24.98
C GLN C 386 -11.55 -25.88 -25.59
N THR C 387 -11.08 -24.97 -24.74
CA THR C 387 -10.43 -23.76 -25.22
C THR C 387 -9.36 -23.35 -24.22
N PHE C 388 -8.30 -22.70 -24.68
CA PHE C 388 -7.31 -22.13 -23.74
C PHE C 388 -7.95 -21.13 -22.79
N ALA C 389 -9.06 -20.54 -23.23
CA ALA C 389 -9.76 -19.50 -22.48
C ALA C 389 -10.29 -19.95 -21.11
N ASP C 390 -10.27 -21.27 -20.89
CA ASP C 390 -10.64 -21.84 -19.61
C ASP C 390 -9.70 -21.34 -18.52
N ILE C 391 -8.42 -21.18 -18.83
CA ILE C 391 -7.47 -20.60 -17.87
C ILE C 391 -7.89 -19.20 -17.46
N GLY C 392 -8.12 -18.32 -18.44
CA GLY C 392 -8.56 -16.97 -18.16
C GLY C 392 -9.84 -16.92 -17.33
N ALA C 393 -10.78 -17.80 -17.65
CA ALA C 393 -12.05 -17.87 -16.95
C ALA C 393 -11.84 -18.28 -15.52
N THR C 394 -10.92 -19.21 -15.30
CA THR C 394 -10.56 -19.64 -13.95
C THR C 394 -9.96 -18.47 -13.16
N VAL C 395 -9.03 -17.76 -13.77
CA VAL C 395 -8.41 -16.58 -13.16
C VAL C 395 -9.43 -15.49 -12.83
N ALA C 396 -10.31 -15.20 -13.78
CA ALA C 396 -11.35 -14.20 -13.60
C ALA C 396 -12.31 -14.53 -12.46
N GLU C 397 -12.71 -15.80 -12.36
CA GLU C 397 -13.69 -16.18 -11.36
C GLU C 397 -13.08 -16.14 -9.97
N ASN C 398 -11.84 -16.60 -9.88
CA ASN C 398 -11.11 -16.56 -8.63
C ASN C 398 -11.09 -15.16 -8.02
N PHE C 399 -10.78 -14.15 -8.82
CA PHE C 399 -10.59 -12.78 -8.35
C PHE C 399 -11.85 -11.92 -8.39
N GLY C 400 -12.96 -12.48 -8.87
CA GLY C 400 -14.25 -11.79 -8.89
C GLY C 400 -14.35 -10.66 -9.90
N VAL C 401 -13.68 -10.81 -11.03
CA VAL C 401 -13.71 -9.77 -12.06
C VAL C 401 -14.58 -10.22 -13.24
N LYS C 402 -14.90 -9.31 -14.14
CA LYS C 402 -15.76 -9.62 -15.28
C LYS C 402 -15.22 -10.84 -16.04
N MET C 403 -16.11 -11.79 -16.32
CA MET C 403 -15.72 -13.02 -16.96
C MET C 403 -15.46 -12.78 -18.44
N PRO C 404 -14.50 -13.53 -19.04
CA PRO C 404 -14.29 -13.35 -20.47
C PRO C 404 -15.47 -13.91 -21.30
N GLU C 405 -15.57 -13.48 -22.54
CA GLU C 405 -16.61 -13.93 -23.45
C GLU C 405 -16.49 -15.43 -23.76
N TYR C 406 -15.29 -15.99 -23.58
CA TYR C 406 -15.06 -17.41 -23.86
C TYR C 406 -14.35 -18.08 -22.70
N GLY C 407 -14.54 -19.39 -22.60
CA GLY C 407 -13.88 -20.21 -21.58
C GLY C 407 -14.78 -20.62 -20.44
N THR C 408 -14.53 -21.82 -19.91
CA THR C 408 -15.23 -22.33 -18.76
C THR C 408 -14.21 -22.46 -17.66
N SER C 409 -14.54 -21.89 -16.50
CA SER C 409 -13.69 -21.97 -15.33
C SER C 409 -13.70 -23.38 -14.74
N PHE C 410 -12.56 -23.79 -14.22
CA PHE C 410 -12.45 -25.04 -13.48
C PHE C 410 -12.02 -24.78 -12.05
N LEU C 411 -12.28 -23.57 -11.56
CA LEU C 411 -11.84 -23.19 -10.20
C LEU C 411 -12.47 -24.09 -9.13
N ASN C 412 -13.77 -24.37 -9.29
CA ASN C 412 -14.52 -25.21 -8.36
C ASN C 412 -14.14 -26.69 -8.42
N GLU C 413 -13.87 -27.19 -9.63
CA GLU C 413 -13.35 -28.54 -9.85
C GLU C 413 -12.03 -28.81 -9.10
N LEU C 414 -11.38 -27.74 -8.63
CA LEU C 414 -10.08 -27.87 -7.96
C LEU C 414 -10.26 -28.10 -6.46
MN MN D . -20.57 -2.02 35.35
MN MN E . -18.93 2.64 35.99
MN MN F . -28.28 -4.37 45.15
O1P 1X4 G . -18.94 -11.19 27.17
P 1X4 G . -18.42 -10.25 25.97
O2P 1X4 G . -16.82 -10.44 25.99
O3P 1X4 G . -19.04 -10.62 24.67
O5 1X4 G . -18.70 -8.73 26.42
C5 1X4 G . -18.76 -8.41 27.81
C4 1X4 G . -19.14 -6.95 27.99
O4 1X4 G . -18.02 -6.13 27.70
C3 1X4 G . -20.13 -6.60 26.89
C2 1X4 G . -19.69 -5.21 26.44
C1 1X4 G . -18.60 -4.87 27.43
O1 1X4 G . -19.26 -4.42 28.63
MN MN H . 11.86 14.71 -0.54
MN MN I . 12.83 15.57 -5.32
MN MN J . 35.59 11.28 -28.50
MN MN K . 25.27 29.95 4.65
MN MN L . 7.60 -19.61 -32.42
MN MN M . 4.65 -19.60 -28.31
MN MN N . 3.50 -29.05 -39.92
#